data_6JHG
#
_entry.id   6JHG
#
_cell.length_a   72.457
_cell.length_b   78.834
_cell.length_c   116.038
_cell.angle_alpha   90.00
_cell.angle_beta   90.00
_cell.angle_gamma   90.00
#
_symmetry.space_group_name_H-M   'P 21 21 21'
#
loop_
_entity.id
_entity.type
_entity.pdbx_description
1 polymer Pulullanase
2 non-polymer 'CALCIUM ION'
3 non-polymer 'CHLORIDE ION'
4 water water
#
_entity_poly.entity_id   1
_entity_poly.type   'polypeptide(L)'
_entity_poly.pdbx_seq_one_letter_code
;MLSVQKEFHGTIDYGDVTVTGGISVFDAKFDELYVYDGDDLGAVYAPEETRFRLWAPTASEAFVVLYETEDGMPVKELPM
KRDVQGTWTLTVAEDCGGLFYTYRVKVGEQWNEAVDPYAKAVGVNGTKTAILDLRSTNPEGWENDQKPPLASPTDAVIYE
LHVRDLSIHPQSGIREKGKFLGLTEEGTRGPNGIPTGLDHITGLGVTHVQLLPIYDYSQESVDESRLDEPHYNWGYDPQN
YNVPEGSYSTDPHNPAARILELKRLIQKLHARGLRVIMDVVYNHVYDGYLIHFTKLVPGYYLRYKADRTFSDGTFCGNEC
ASERPIMRKYIIESILHWVREYHIDGFRFDLMGMIDIETMNEIRRRLDEIDPTILTIGEGWMMETVLPKELRANQDNAEK
LPGIGMFNDGMRDAVKGDIFIFDRKGFISGGDGFEDGVKRGVAGGINYGGQLRQFAVEPVQSVNYVECHDNHTLWDKIEL
STPGASDEERRAMHRLASAIVLTSQGIPFLHAGQEFMRTKGGVENSYKSPIEVNWLDWERCAAHQDDVSYMRSLIALRKA
HPAFRLKTADEIRAHLRFEAAPPHTVAFTLRDHAGGDPDRHLYVLYNANPGALSLELPALGPWEVRFGGEHVLALEAGAS
GEAAAAAPAAAGGPPAGGARLEVRGVGVVVLAVPR
;
_entity_poly.pdbx_strand_id   A
#
loop_
_chem_comp.id
_chem_comp.type
_chem_comp.name
_chem_comp.formula
CA non-polymer 'CALCIUM ION' 'Ca 2'
CL non-polymer 'CHLORIDE ION' 'Cl -1'
#
# COMPACT_ATOMS: atom_id res chain seq x y z
N ILE A 12 -22.07 -23.28 14.90
CA ILE A 12 -21.17 -22.41 15.64
C ILE A 12 -21.79 -21.98 16.97
N ASP A 13 -21.03 -22.19 18.06
CA ASP A 13 -21.47 -21.88 19.42
C ASP A 13 -20.91 -20.53 19.83
N TYR A 14 -21.79 -19.56 20.05
CA TYR A 14 -21.37 -18.22 20.44
C TYR A 14 -21.27 -18.04 21.95
N GLY A 15 -21.53 -19.09 22.73
CA GLY A 15 -21.27 -19.09 24.16
C GLY A 15 -22.55 -19.21 24.98
N ASP A 16 -22.35 -19.55 26.25
CA ASP A 16 -23.41 -19.55 27.25
C ASP A 16 -23.46 -18.16 27.87
N VAL A 17 -24.57 -17.45 27.63
CA VAL A 17 -24.65 -16.04 28.01
C VAL A 17 -24.68 -15.82 29.52
N THR A 18 -24.82 -16.87 30.33
CA THR A 18 -24.70 -16.70 31.77
C THR A 18 -23.29 -16.28 32.17
N VAL A 19 -22.29 -16.64 31.34
CA VAL A 19 -20.91 -16.22 31.59
C VAL A 19 -20.78 -14.70 31.50
N THR A 20 -21.58 -14.06 30.65
CA THR A 20 -21.44 -12.62 30.42
C THR A 20 -22.70 -11.87 30.80
N GLY A 21 -23.22 -12.12 32.01
CA GLY A 21 -24.36 -11.37 32.52
C GLY A 21 -25.60 -11.43 31.65
N GLY A 22 -25.78 -12.51 30.90
CA GLY A 22 -26.94 -12.68 30.04
C GLY A 22 -26.88 -11.93 28.73
N ILE A 23 -25.83 -11.16 28.48
CA ILE A 23 -25.73 -10.33 27.28
C ILE A 23 -25.07 -11.14 26.18
N SER A 24 -25.71 -11.19 25.02
CA SER A 24 -25.16 -11.88 23.86
C SER A 24 -24.05 -11.05 23.21
N VAL A 25 -23.10 -11.75 22.58
CA VAL A 25 -21.99 -11.08 21.89
C VAL A 25 -22.49 -10.22 20.74
N PHE A 26 -23.71 -10.47 20.25
CA PHE A 26 -24.33 -9.63 19.23
C PHE A 26 -25.01 -8.40 19.83
N ASP A 27 -25.41 -8.46 21.09
CA ASP A 27 -26.16 -7.37 21.71
C ASP A 27 -25.34 -6.08 21.72
N ALA A 28 -26.04 -4.96 21.57
CA ALA A 28 -25.37 -3.66 21.52
C ALA A 28 -24.68 -3.34 22.84
N LYS A 29 -25.20 -3.83 23.96
CA LYS A 29 -24.59 -3.56 25.25
C LYS A 29 -23.32 -4.36 25.49
N PHE A 30 -22.97 -5.30 24.63
CA PHE A 30 -21.79 -6.13 24.87
C PHE A 30 -20.51 -5.30 24.82
N ASP A 31 -20.35 -4.50 23.75
CA ASP A 31 -19.12 -3.73 23.52
C ASP A 31 -18.63 -3.02 24.77
N GLU A 32 -19.52 -2.31 25.47
CA GLU A 32 -19.14 -1.46 26.61
C GLU A 32 -18.81 -2.24 27.87
N LEU A 33 -19.07 -3.55 27.91
CA LEU A 33 -18.82 -4.30 29.14
C LEU A 33 -17.37 -4.75 29.25
N TYR A 34 -16.75 -5.11 28.12
CA TYR A 34 -15.45 -5.79 28.16
C TYR A 34 -14.40 -5.07 27.33
N VAL A 35 -14.20 -3.78 27.59
CA VAL A 35 -13.18 -2.99 26.90
C VAL A 35 -11.93 -2.99 27.79
N TYR A 36 -10.93 -3.77 27.41
CA TYR A 36 -9.71 -3.83 28.20
C TYR A 36 -8.85 -2.60 27.94
N ASP A 37 -8.47 -1.90 29.02
CA ASP A 37 -7.74 -0.64 28.89
C ASP A 37 -6.22 -0.81 28.89
N GLY A 38 -5.71 -2.04 29.02
CA GLY A 38 -4.28 -2.24 29.11
C GLY A 38 -3.62 -2.49 27.76
N ASP A 39 -2.31 -2.26 27.73
CA ASP A 39 -1.52 -2.38 26.50
C ASP A 39 -0.75 -3.70 26.42
N ASP A 40 -1.16 -4.71 27.20
CA ASP A 40 -0.33 -5.90 27.40
C ASP A 40 -1.00 -7.19 26.95
N LEU A 41 -1.97 -7.13 26.05
CA LEU A 41 -2.49 -8.37 25.48
C LEU A 41 -1.36 -9.11 24.75
N GLY A 42 -1.38 -10.44 24.82
CA GLY A 42 -0.30 -11.23 24.22
C GLY A 42 0.59 -11.84 25.29
N ALA A 43 1.87 -12.10 24.97
CA ALA A 43 2.81 -12.67 25.94
C ALA A 43 4.05 -11.79 26.03
N VAL A 44 4.49 -11.55 27.26
CA VAL A 44 5.72 -10.79 27.52
C VAL A 44 6.72 -11.76 28.12
N TYR A 45 7.81 -12.02 27.39
CA TYR A 45 8.79 -13.01 27.78
C TYR A 45 9.96 -12.35 28.52
N ALA A 46 10.42 -13.03 29.57
CA ALA A 46 11.70 -12.77 30.22
C ALA A 46 12.20 -14.09 30.77
N PRO A 47 13.50 -14.28 30.91
CA PRO A 47 14.00 -15.55 31.49
C PRO A 47 13.35 -15.90 32.82
N GLU A 48 13.08 -14.91 33.67
CA GLU A 48 12.47 -15.20 34.97
C GLU A 48 11.04 -15.71 34.83
N GLU A 49 10.30 -15.24 33.84
CA GLU A 49 8.88 -15.59 33.72
C GLU A 49 8.34 -15.08 32.40
N THR A 50 7.29 -15.74 31.92
CA THR A 50 6.49 -15.23 30.80
C THR A 50 5.08 -14.96 31.30
N ARG A 51 4.56 -13.77 30.99
N ARG A 51 4.56 -13.77 30.99
CA ARG A 51 3.20 -13.36 31.34
CA ARG A 51 3.20 -13.38 31.34
C ARG A 51 2.31 -13.42 30.10
C ARG A 51 2.31 -13.42 30.10
N PHE A 52 1.17 -14.10 30.23
CA PHE A 52 0.20 -14.21 29.15
C PHE A 52 -1.07 -13.43 29.50
N ARG A 53 -1.65 -12.76 28.51
CA ARG A 53 -2.97 -12.17 28.68
C ARG A 53 -3.77 -12.34 27.39
N LEU A 54 -4.96 -12.93 27.52
CA LEU A 54 -5.83 -13.23 26.40
C LEU A 54 -7.19 -12.58 26.65
N TRP A 55 -7.74 -11.93 25.63
CA TRP A 55 -9.10 -11.37 25.71
C TRP A 55 -10.08 -12.43 25.22
N ALA A 56 -10.92 -12.94 26.12
CA ALA A 56 -11.92 -13.94 25.74
C ALA A 56 -13.09 -13.92 26.71
N PRO A 57 -13.97 -12.92 26.60
CA PRO A 57 -15.04 -12.78 27.62
C PRO A 57 -16.05 -13.91 27.60
N THR A 58 -16.36 -14.50 26.44
CA THR A 58 -17.41 -15.49 26.37
C THR A 58 -16.94 -16.90 26.71
N ALA A 59 -15.64 -17.13 26.88
CA ALA A 59 -15.15 -18.45 27.21
C ALA A 59 -15.45 -18.80 28.66
N SER A 60 -15.76 -20.07 28.91
CA SER A 60 -15.85 -20.57 30.27
C SER A 60 -14.50 -21.02 30.81
N GLU A 61 -13.62 -21.52 29.94
CA GLU A 61 -12.29 -21.95 30.33
C GLU A 61 -11.27 -21.48 29.30
N ALA A 62 -10.05 -21.24 29.76
CA ALA A 62 -8.93 -20.88 28.89
C ALA A 62 -7.65 -21.51 29.42
N PHE A 63 -6.86 -22.09 28.52
CA PHE A 63 -5.58 -22.70 28.86
C PHE A 63 -4.47 -22.10 28.01
N VAL A 64 -3.28 -22.00 28.60
CA VAL A 64 -2.05 -21.89 27.82
C VAL A 64 -1.54 -23.30 27.57
N VAL A 65 -1.33 -23.65 26.30
CA VAL A 65 -0.76 -24.94 25.92
C VAL A 65 0.66 -24.69 25.45
N LEU A 66 1.63 -25.34 26.10
CA LEU A 66 3.03 -25.18 25.75
C LEU A 66 3.53 -26.36 24.93
N TYR A 67 4.30 -26.06 23.88
CA TYR A 67 4.92 -27.06 23.02
C TYR A 67 6.43 -26.85 22.94
N GLU A 68 7.17 -27.94 22.82
CA GLU A 68 8.61 -27.87 22.64
C GLU A 68 9.02 -27.78 21.18
N THR A 69 8.24 -28.36 20.26
CA THR A 69 8.53 -28.30 18.85
C THR A 69 7.28 -27.84 18.11
N GLU A 70 7.49 -27.25 16.92
CA GLU A 70 6.38 -26.67 16.18
C GLU A 70 5.29 -27.70 15.87
N ASP A 71 5.68 -28.95 15.66
CA ASP A 71 4.78 -30.02 15.27
C ASP A 71 4.61 -31.07 16.38
N GLY A 72 5.09 -30.80 17.59
CA GLY A 72 5.05 -31.77 18.65
C GLY A 72 3.74 -31.76 19.42
N MET A 73 3.72 -32.53 20.51
CA MET A 73 2.58 -32.61 21.41
C MET A 73 2.80 -31.72 22.64
N PRO A 74 1.74 -31.36 23.36
CA PRO A 74 1.91 -30.47 24.50
C PRO A 74 2.84 -31.06 25.56
N VAL A 75 3.63 -30.19 26.17
CA VAL A 75 4.39 -30.58 27.37
C VAL A 75 3.76 -30.04 28.64
N LYS A 76 2.98 -28.96 28.56
CA LYS A 76 2.23 -28.42 29.68
C LYS A 76 0.90 -27.88 29.16
N GLU A 77 -0.12 -27.99 29.99
CA GLU A 77 -1.47 -27.48 29.65
C GLU A 77 -1.99 -26.76 30.89
N LEU A 78 -1.90 -25.42 30.90
CA LEU A 78 -2.05 -24.70 32.16
C LEU A 78 -3.29 -23.82 32.15
N PRO A 79 -4.18 -23.96 33.14
CA PRO A 79 -5.37 -23.10 33.20
C PRO A 79 -5.02 -21.66 33.52
N MET A 80 -5.67 -20.73 32.81
CA MET A 80 -5.55 -19.30 33.06
C MET A 80 -6.61 -18.84 34.04
N LYS A 81 -6.34 -17.71 34.68
CA LYS A 81 -7.23 -17.11 35.67
C LYS A 81 -8.04 -15.99 35.02
N ARG A 82 -9.36 -16.00 35.27
CA ARG A 82 -10.21 -14.90 34.79
C ARG A 82 -9.80 -13.59 35.45
N ASP A 83 -9.66 -12.55 34.64
CA ASP A 83 -9.11 -11.27 35.08
C ASP A 83 -10.09 -10.17 34.69
N VAL A 84 -9.61 -8.93 34.57
CA VAL A 84 -10.50 -7.79 34.41
C VAL A 84 -10.86 -7.59 32.95
N GLN A 85 -12.03 -6.98 32.74
CA GLN A 85 -12.48 -6.49 31.44
C GLN A 85 -12.42 -7.58 30.37
N GLY A 86 -12.82 -8.79 30.74
CA GLY A 86 -12.92 -9.89 29.80
C GLY A 86 -11.62 -10.63 29.51
N THR A 87 -10.54 -10.31 30.20
CA THR A 87 -9.27 -10.97 29.91
C THR A 87 -9.03 -12.15 30.84
N TRP A 88 -8.06 -12.98 30.44
CA TRP A 88 -7.51 -14.07 31.24
C TRP A 88 -6.01 -13.88 31.34
N THR A 89 -5.43 -14.28 32.48
CA THR A 89 -4.01 -14.09 32.70
C THR A 89 -3.36 -15.38 33.20
N LEU A 90 -2.03 -15.40 33.12
CA LEU A 90 -1.23 -16.53 33.60
C LEU A 90 0.22 -16.11 33.59
N THR A 91 0.94 -16.39 34.67
CA THR A 91 2.39 -16.21 34.72
C THR A 91 3.05 -17.58 34.84
N VAL A 92 3.95 -17.89 33.92
CA VAL A 92 4.75 -19.11 34.01
C VAL A 92 6.14 -18.69 34.49
N ALA A 93 6.49 -19.09 35.71
CA ALA A 93 7.73 -18.67 36.36
C ALA A 93 8.87 -19.61 36.03
N GLU A 94 9.07 -19.83 34.74
CA GLU A 94 10.19 -20.58 34.19
C GLU A 94 10.65 -19.86 32.94
N ASP A 95 11.86 -20.20 32.48
CA ASP A 95 12.40 -19.62 31.27
C ASP A 95 11.78 -20.37 30.08
N CYS A 96 10.80 -19.75 29.45
CA CYS A 96 10.07 -20.37 28.35
C CYS A 96 10.72 -20.12 27.00
N GLY A 97 11.97 -19.67 26.98
CA GLY A 97 12.63 -19.36 25.72
C GLY A 97 12.66 -20.54 24.79
N GLY A 98 12.31 -20.34 23.53
CA GLY A 98 12.37 -21.41 22.56
C GLY A 98 11.16 -22.33 22.56
N LEU A 99 10.18 -22.06 23.40
CA LEU A 99 8.94 -22.83 23.41
C LEU A 99 7.94 -22.23 22.42
N PHE A 100 6.90 -22.99 22.12
CA PHE A 100 5.77 -22.51 21.34
C PHE A 100 4.53 -22.60 22.20
N TYR A 101 3.51 -21.80 21.89
CA TYR A 101 2.29 -21.89 22.67
C TYR A 101 1.06 -21.58 21.83
N THR A 102 -0.08 -22.04 22.33
CA THR A 102 -1.40 -21.69 21.83
C THR A 102 -2.31 -21.40 23.01
N TYR A 103 -3.50 -20.88 22.71
CA TYR A 103 -4.58 -20.77 23.69
C TYR A 103 -5.63 -21.82 23.36
N ARG A 104 -6.05 -22.59 24.37
CA ARG A 104 -7.18 -23.51 24.24
C ARG A 104 -8.32 -22.95 25.09
N VAL A 105 -9.50 -22.76 24.47
CA VAL A 105 -10.64 -22.17 25.15
C VAL A 105 -11.88 -23.03 24.92
N LYS A 106 -12.82 -22.92 25.86
CA LYS A 106 -14.15 -23.52 25.73
C LYS A 106 -15.18 -22.39 25.65
N VAL A 107 -15.85 -22.28 24.51
CA VAL A 107 -16.92 -21.32 24.30
C VAL A 107 -18.20 -22.12 24.07
N GLY A 108 -19.12 -22.04 25.02
CA GLY A 108 -20.31 -22.88 24.93
C GLY A 108 -19.94 -24.32 25.12
N GLU A 109 -20.30 -25.17 24.16
CA GLU A 109 -19.97 -26.60 24.21
C GLU A 109 -18.83 -26.95 23.26
N GLN A 110 -18.16 -25.95 22.71
CA GLN A 110 -17.14 -26.13 21.68
C GLN A 110 -15.76 -25.79 22.24
N TRP A 111 -14.77 -26.59 21.88
CA TRP A 111 -13.38 -26.34 22.24
C TRP A 111 -12.60 -25.92 21.00
N ASN A 112 -11.73 -24.92 21.14
CA ASN A 112 -10.90 -24.45 20.03
C ASN A 112 -9.48 -24.18 20.53
N GLU A 113 -8.49 -24.46 19.68
CA GLU A 113 -7.09 -24.14 19.97
C GLU A 113 -6.57 -23.18 18.90
N ALA A 114 -6.02 -22.05 19.33
CA ALA A 114 -5.66 -21.00 18.39
C ALA A 114 -4.33 -20.34 18.76
N VAL A 115 -3.68 -19.79 17.74
CA VAL A 115 -2.54 -18.90 17.95
C VAL A 115 -2.98 -17.64 18.67
N ASP A 116 -2.06 -17.05 19.44
CA ASP A 116 -2.31 -15.75 20.06
C ASP A 116 -2.63 -14.72 18.97
N PRO A 117 -3.77 -14.01 19.06
CA PRO A 117 -3.99 -12.89 18.13
C PRO A 117 -2.92 -11.83 18.22
N TYR A 118 -2.22 -11.71 19.36
CA TYR A 118 -1.11 -10.77 19.50
C TYR A 118 0.24 -11.44 19.29
N ALA A 119 0.26 -12.59 18.60
CA ALA A 119 1.51 -13.26 18.26
C ALA A 119 2.46 -12.28 17.57
N LYS A 120 3.71 -12.27 18.01
CA LYS A 120 4.73 -11.47 17.36
C LYS A 120 5.81 -12.35 16.75
N ALA A 121 5.69 -13.66 16.89
CA ALA A 121 6.57 -14.64 16.26
C ALA A 121 5.81 -15.96 16.19
N VAL A 122 6.03 -16.72 15.12
CA VAL A 122 5.30 -17.97 14.88
C VAL A 122 6.23 -19.02 14.28
N GLY A 123 5.81 -20.27 14.40
CA GLY A 123 6.47 -21.37 13.71
C GLY A 123 6.07 -21.39 12.24
N VAL A 124 6.52 -22.44 11.54
CA VAL A 124 6.23 -22.55 10.12
C VAL A 124 4.72 -22.56 9.91
N ASN A 125 4.25 -21.77 8.94
CA ASN A 125 2.85 -21.68 8.54
C ASN A 125 1.95 -21.15 9.65
N GLY A 126 2.53 -20.51 10.67
CA GLY A 126 1.78 -19.71 11.61
C GLY A 126 0.73 -20.42 12.44
N THR A 127 0.95 -21.69 12.80
CA THR A 127 -0.04 -22.42 13.57
C THR A 127 0.26 -22.49 15.05
N LYS A 128 1.45 -22.05 15.47
CA LYS A 128 1.76 -21.92 16.88
C LYS A 128 2.48 -20.60 17.13
N THR A 129 2.24 -20.02 18.29
CA THR A 129 2.96 -18.81 18.70
C THR A 129 4.35 -19.20 19.18
N ALA A 130 5.36 -18.42 18.80
CA ALA A 130 6.73 -18.68 19.26
C ALA A 130 7.09 -17.71 20.37
N ILE A 131 7.63 -18.24 21.47
CA ILE A 131 8.12 -17.42 22.55
C ILE A 131 9.58 -17.08 22.27
N LEU A 132 9.89 -15.79 22.28
CA LEU A 132 11.20 -15.37 21.82
C LEU A 132 11.58 -14.06 22.50
N ASP A 133 12.86 -13.92 22.85
CA ASP A 133 13.40 -12.60 23.19
C ASP A 133 13.44 -11.73 21.93
N LEU A 134 12.55 -10.72 21.87
CA LEU A 134 12.39 -9.90 20.68
C LEU A 134 13.67 -9.21 20.28
N ARG A 135 14.42 -8.68 21.26
CA ARG A 135 15.59 -7.88 20.95
C ARG A 135 16.76 -8.71 20.43
N SER A 136 16.65 -10.04 20.49
CA SER A 136 17.59 -10.89 19.78
C SER A 136 17.37 -10.89 18.27
N THR A 137 16.26 -10.36 17.78
CA THR A 137 15.97 -10.26 16.35
C THR A 137 16.40 -8.92 15.75
N ASN A 138 17.02 -8.07 16.54
CA ASN A 138 17.34 -6.78 15.95
C ASN A 138 18.70 -6.84 15.23
N PRO A 139 18.80 -6.25 14.03
CA PRO A 139 20.13 -6.09 13.42
C PRO A 139 21.02 -5.20 14.26
N GLU A 140 22.33 -5.34 14.03
CA GLU A 140 23.29 -4.49 14.72
C GLU A 140 22.99 -3.01 14.45
N GLY A 141 22.93 -2.23 15.52
CA GLY A 141 22.70 -0.80 15.38
C GLY A 141 21.29 -0.43 15.00
N TRP A 142 20.33 -1.36 15.15
CA TRP A 142 18.94 -1.09 14.79
C TRP A 142 18.41 0.15 15.50
N GLU A 143 18.81 0.37 16.76
CA GLU A 143 18.30 1.53 17.50
C GLU A 143 18.79 2.84 16.91
N ASN A 144 19.82 2.82 16.06
CA ASN A 144 20.34 4.02 15.44
C ASN A 144 19.73 4.28 14.05
N ASP A 145 18.76 3.47 13.65
CA ASP A 145 18.14 3.59 12.33
C ASP A 145 17.46 4.94 12.18
N GLN A 146 17.86 5.71 11.16
CA GLN A 146 17.29 7.03 10.92
C GLN A 146 16.59 7.04 9.56
N LYS A 147 15.49 7.78 9.50
CA LYS A 147 14.68 7.82 8.30
C LYS A 147 15.21 8.86 7.33
N PRO A 148 15.14 8.59 6.03
CA PRO A 148 15.35 9.64 5.05
C PRO A 148 14.40 10.79 5.32
N PRO A 149 14.84 12.04 5.15
CA PRO A 149 13.95 13.18 5.38
C PRO A 149 12.71 13.10 4.48
N LEU A 150 11.60 13.62 5.00
CA LEU A 150 10.38 13.78 4.22
C LEU A 150 9.62 14.96 4.82
N ALA A 151 9.32 15.96 3.99
CA ALA A 151 8.67 17.15 4.52
C ALA A 151 7.15 17.06 4.48
N SER A 152 6.59 16.70 3.34
CA SER A 152 5.15 16.70 3.10
C SER A 152 4.81 15.41 2.38
N PRO A 153 3.57 14.91 2.49
CA PRO A 153 3.19 13.73 1.70
C PRO A 153 3.31 13.97 0.20
N THR A 154 3.01 15.18 -0.27
CA THR A 154 3.16 15.48 -1.70
C THR A 154 4.62 15.49 -2.14
N ASP A 155 5.57 15.34 -1.22
CA ASP A 155 6.97 15.19 -1.58
C ASP A 155 7.39 13.74 -1.74
N ALA A 156 6.48 12.78 -1.55
CA ALA A 156 6.79 11.36 -1.74
C ALA A 156 6.56 10.96 -3.19
N VAL A 157 7.34 9.99 -3.66
CA VAL A 157 7.08 9.29 -4.92
C VAL A 157 7.04 7.79 -4.59
N ILE A 158 5.85 7.19 -4.70
CA ILE A 158 5.65 5.83 -4.21
C ILE A 158 5.89 4.82 -5.34
N TYR A 159 6.53 3.70 -4.99
CA TYR A 159 6.90 2.63 -5.92
C TYR A 159 6.36 1.32 -5.36
N GLU A 160 5.32 0.76 -5.98
CA GLU A 160 4.56 -0.35 -5.43
C GLU A 160 5.15 -1.68 -5.88
N LEU A 161 5.62 -2.49 -4.92
CA LEU A 161 6.47 -3.64 -5.24
C LEU A 161 6.04 -4.87 -4.45
N HIS A 162 6.10 -6.03 -5.09
CA HIS A 162 5.90 -7.33 -4.42
C HIS A 162 7.26 -7.97 -4.19
N VAL A 163 7.46 -8.54 -2.99
CA VAL A 163 8.79 -9.04 -2.61
C VAL A 163 9.24 -10.16 -3.54
N ARG A 164 8.32 -11.04 -3.94
CA ARG A 164 8.70 -12.12 -4.85
C ARG A 164 8.95 -11.61 -6.27
N ASP A 165 8.07 -10.71 -6.78
CA ASP A 165 8.27 -10.10 -8.09
C ASP A 165 9.68 -9.54 -8.25
N LEU A 166 10.19 -8.91 -7.19
CA LEU A 166 11.40 -8.10 -7.29
C LEU A 166 12.57 -8.88 -7.88
N SER A 167 12.75 -10.14 -7.45
CA SER A 167 14.00 -10.85 -7.67
C SER A 167 13.87 -12.25 -8.25
N ILE A 168 12.65 -12.78 -8.42
CA ILE A 168 12.50 -14.20 -8.78
C ILE A 168 12.77 -14.50 -10.24
N HIS A 169 12.85 -13.50 -11.12
CA HIS A 169 13.24 -13.75 -12.51
C HIS A 169 14.63 -14.40 -12.53
N PRO A 170 14.84 -15.44 -13.35
CA PRO A 170 16.11 -16.19 -13.25
C PRO A 170 17.33 -15.37 -13.65
N GLN A 171 17.16 -14.26 -14.36
CA GLN A 171 18.28 -13.39 -14.71
C GLN A 171 18.35 -12.13 -13.86
N SER A 172 17.71 -12.14 -12.68
CA SER A 172 17.74 -10.96 -11.82
C SER A 172 19.12 -10.67 -11.27
N GLY A 173 20.01 -11.66 -11.23
CA GLY A 173 21.33 -11.47 -10.64
C GLY A 173 21.34 -11.32 -9.14
N ILE A 174 20.24 -11.69 -8.48
CA ILE A 174 20.07 -11.52 -7.04
C ILE A 174 20.20 -12.89 -6.37
N ARG A 175 20.93 -12.95 -5.26
CA ARG A 175 21.22 -14.22 -4.61
C ARG A 175 19.97 -14.82 -3.94
N GLU A 176 19.39 -14.10 -2.99
CA GLU A 176 18.23 -14.61 -2.26
C GLU A 176 16.94 -14.28 -3.03
N LYS A 177 16.74 -15.00 -4.14
CA LYS A 177 15.58 -14.76 -4.99
C LYS A 177 14.29 -15.03 -4.22
N GLY A 178 13.32 -14.12 -4.34
CA GLY A 178 12.03 -14.28 -3.70
C GLY A 178 11.94 -13.85 -2.25
N LYS A 179 13.01 -13.32 -1.66
CA LYS A 179 13.09 -13.12 -0.21
C LYS A 179 13.29 -11.65 0.14
N PHE A 180 12.93 -11.30 1.40
CA PHE A 180 13.28 -9.99 1.94
C PHE A 180 14.74 -9.63 1.67
N LEU A 181 15.66 -10.57 1.95
CA LEU A 181 17.09 -10.29 1.79
C LEU A 181 17.45 -9.98 0.35
N GLY A 182 16.67 -10.50 -0.61
CA GLY A 182 16.95 -10.21 -2.01
C GLY A 182 16.90 -8.73 -2.35
N LEU A 183 16.09 -7.96 -1.60
CA LEU A 183 16.01 -6.52 -1.79
C LEU A 183 17.05 -5.76 -0.94
N THR A 184 17.92 -6.46 -0.23
CA THR A 184 19.01 -5.79 0.47
C THR A 184 20.32 -5.79 -0.32
N GLU A 185 20.39 -6.50 -1.44
N GLU A 185 20.40 -6.54 -1.41
CA GLU A 185 21.63 -6.76 -2.15
CA GLU A 185 21.67 -6.75 -2.11
C GLU A 185 21.95 -5.61 -3.10
C GLU A 185 21.93 -5.58 -3.06
N GLU A 186 23.05 -4.91 -2.85
CA GLU A 186 23.53 -3.90 -3.78
C GLU A 186 24.40 -4.54 -4.85
N GLY A 187 24.61 -3.81 -5.94
CA GLY A 187 25.49 -4.25 -7.01
C GLY A 187 24.97 -5.36 -7.88
N THR A 188 23.69 -5.73 -7.78
CA THR A 188 23.20 -6.83 -8.59
C THR A 188 23.01 -6.38 -10.03
N ARG A 189 23.35 -7.27 -10.98
CA ARG A 189 23.34 -6.94 -12.40
C ARG A 189 22.55 -7.99 -13.18
N GLY A 190 21.88 -7.53 -14.23
CA GLY A 190 21.05 -8.40 -15.03
C GLY A 190 21.53 -8.54 -16.47
N PRO A 191 20.60 -8.85 -17.37
CA PRO A 191 20.97 -9.04 -18.77
C PRO A 191 21.66 -7.80 -19.33
N ASN A 192 22.69 -8.04 -20.15
CA ASN A 192 23.53 -7.00 -20.71
C ASN A 192 24.20 -6.16 -19.65
N GLY A 193 24.21 -6.61 -18.40
CA GLY A 193 24.89 -5.93 -17.32
C GLY A 193 24.12 -4.82 -16.63
N ILE A 194 22.83 -4.65 -16.92
CA ILE A 194 22.06 -3.56 -16.34
C ILE A 194 21.96 -3.69 -14.81
N PRO A 195 21.80 -2.59 -14.09
CA PRO A 195 21.46 -2.70 -12.67
C PRO A 195 20.08 -3.29 -12.47
N THR A 196 19.94 -4.10 -11.43
CA THR A 196 18.67 -4.72 -11.06
C THR A 196 18.42 -4.49 -9.58
N GLY A 197 17.26 -4.96 -9.10
CA GLY A 197 17.00 -5.01 -7.68
C GLY A 197 17.07 -3.65 -7.03
N LEU A 198 17.67 -3.61 -5.83
CA LEU A 198 17.77 -2.38 -5.05
C LEU A 198 18.43 -1.26 -5.85
N ASP A 199 19.52 -1.56 -6.56
CA ASP A 199 20.22 -0.52 -7.32
C ASP A 199 19.33 0.07 -8.40
N HIS A 200 18.47 -0.74 -9.02
CA HIS A 200 17.54 -0.20 -10.01
C HIS A 200 16.57 0.78 -9.37
N ILE A 201 16.03 0.42 -8.21
CA ILE A 201 15.03 1.26 -7.54
C ILE A 201 15.66 2.57 -7.06
N THR A 202 16.80 2.49 -6.36
CA THR A 202 17.42 3.74 -5.92
C THR A 202 17.84 4.60 -7.10
N GLY A 203 18.20 3.96 -8.23
CA GLY A 203 18.56 4.71 -9.42
C GLY A 203 17.39 5.48 -10.02
N LEU A 204 16.16 5.02 -9.76
CA LEU A 204 14.98 5.72 -10.26
C LEU A 204 14.76 7.06 -9.56
N GLY A 205 15.11 7.16 -8.28
CA GLY A 205 14.83 8.35 -7.52
C GLY A 205 13.51 8.36 -6.80
N VAL A 206 12.76 7.25 -6.82
CA VAL A 206 11.54 7.17 -6.00
C VAL A 206 11.96 7.30 -4.54
N THR A 207 10.98 7.64 -3.69
CA THR A 207 11.26 7.88 -2.27
C THR A 207 10.68 6.82 -1.34
N HIS A 208 9.61 6.14 -1.73
CA HIS A 208 8.96 5.15 -0.89
C HIS A 208 8.78 3.87 -1.67
N VAL A 209 9.11 2.74 -1.05
CA VAL A 209 8.75 1.43 -1.57
C VAL A 209 7.53 0.95 -0.79
N GLN A 210 6.41 0.77 -1.48
CA GLN A 210 5.20 0.19 -0.90
C GLN A 210 5.20 -1.31 -1.19
N LEU A 211 5.25 -2.12 -0.15
CA LEU A 211 5.37 -3.57 -0.30
C LEU A 211 4.00 -4.19 -0.18
N LEU A 212 3.65 -5.04 -1.16
CA LEU A 212 2.47 -5.86 -1.06
C LEU A 212 2.58 -6.74 0.19
N PRO A 213 1.45 -7.34 0.66
CA PRO A 213 1.39 -7.94 2.00
C PRO A 213 2.66 -8.63 2.50
N ILE A 214 3.27 -8.05 3.53
CA ILE A 214 4.43 -8.67 4.17
C ILE A 214 4.13 -9.22 5.55
N TYR A 215 2.91 -9.01 6.05
CA TYR A 215 2.42 -9.74 7.22
C TYR A 215 2.19 -11.21 6.81
N ASP A 216 1.91 -12.06 7.80
CA ASP A 216 1.84 -13.51 7.56
C ASP A 216 0.48 -13.87 6.96
N TYR A 217 0.49 -14.33 5.72
CA TYR A 217 -0.76 -14.71 5.06
C TYR A 217 -0.86 -16.23 4.97
N SER A 218 -1.97 -16.71 4.42
CA SER A 218 -2.43 -18.05 4.71
C SER A 218 -1.64 -19.12 3.97
N GLN A 219 -1.60 -20.31 4.59
CA GLN A 219 -0.98 -21.48 3.99
C GLN A 219 -1.62 -21.86 2.66
N GLU A 220 -2.94 -21.70 2.52
CA GLU A 220 -3.61 -21.99 1.27
C GLU A 220 -3.15 -21.06 0.15
N SER A 221 -2.55 -19.91 0.47
CA SER A 221 -2.05 -18.98 -0.53
C SER A 221 -0.64 -19.37 -0.97
N VAL A 222 0.28 -19.45 -0.01
CA VAL A 222 1.61 -20.00 -0.22
C VAL A 222 1.88 -20.93 0.97
N ASP A 223 2.21 -22.18 0.70
CA ASP A 223 2.53 -23.14 1.75
C ASP A 223 4.01 -23.01 2.09
N GLU A 224 4.31 -22.54 3.31
CA GLU A 224 5.69 -22.28 3.70
C GLU A 224 6.51 -23.55 3.83
N SER A 225 5.90 -24.73 3.81
CA SER A 225 6.67 -25.97 3.81
C SER A 225 6.89 -26.53 2.41
N ARG A 226 6.39 -25.87 1.37
CA ARG A 226 6.51 -26.32 -0.03
C ARG A 226 7.21 -25.26 -0.89
N LEU A 227 8.28 -24.67 -0.38
CA LEU A 227 8.95 -23.62 -1.13
C LEU A 227 9.94 -24.16 -2.16
N ASP A 228 10.08 -25.48 -2.27
CA ASP A 228 10.95 -26.09 -3.26
C ASP A 228 10.21 -26.45 -4.54
N GLU A 229 8.96 -26.03 -4.66
CA GLU A 229 8.17 -26.15 -5.88
C GLU A 229 7.53 -24.80 -6.16
N PRO A 230 6.94 -24.62 -7.34
CA PRO A 230 6.38 -23.31 -7.69
C PRO A 230 5.37 -22.79 -6.67
N HIS A 231 5.44 -21.49 -6.41
CA HIS A 231 4.49 -20.84 -5.52
C HIS A 231 4.42 -19.35 -5.86
N TYR A 232 3.25 -18.77 -5.62
CA TYR A 232 3.04 -17.33 -5.80
C TYR A 232 1.69 -16.90 -5.23
N ASN A 233 1.66 -15.83 -4.45
CA ASN A 233 0.41 -15.17 -4.12
C ASN A 233 0.70 -13.73 -3.69
N TRP A 234 -0.18 -12.80 -4.09
CA TRP A 234 -0.10 -11.44 -3.58
C TRP A 234 -0.13 -11.40 -2.06
N GLY A 235 -0.92 -12.27 -1.45
CA GLY A 235 -1.01 -12.38 0.00
C GLY A 235 -2.15 -11.64 0.67
N TYR A 236 -3.25 -11.37 -0.03
CA TYR A 236 -4.34 -10.60 0.57
C TYR A 236 -5.26 -11.48 1.41
N ASP A 237 -4.69 -12.51 2.07
CA ASP A 237 -5.42 -13.46 2.90
C ASP A 237 -4.78 -13.52 4.28
N PRO A 238 -5.11 -12.58 5.16
CA PRO A 238 -4.37 -12.43 6.42
C PRO A 238 -4.61 -13.58 7.40
N GLN A 239 -3.51 -14.01 8.05
CA GLN A 239 -3.57 -15.05 9.08
C GLN A 239 -3.01 -14.56 10.42
N ASN A 240 -1.76 -14.07 10.45
CA ASN A 240 -1.19 -13.46 11.66
C ASN A 240 -0.78 -12.02 11.35
N TYR A 241 -1.56 -11.06 11.86
CA TYR A 241 -1.44 -9.65 11.49
C TYR A 241 -0.13 -9.01 11.95
N ASN A 242 0.52 -9.55 12.98
CA ASN A 242 1.62 -8.89 13.67
C ASN A 242 2.96 -9.58 13.49
N VAL A 243 3.08 -10.51 12.54
N VAL A 243 3.07 -10.54 12.57
CA VAL A 243 4.32 -11.23 12.29
CA VAL A 243 4.34 -11.21 12.30
C VAL A 243 4.57 -11.25 10.79
C VAL A 243 4.58 -11.22 10.79
N PRO A 244 5.83 -11.28 10.33
CA PRO A 244 6.08 -11.33 8.88
C PRO A 244 5.64 -12.63 8.22
N GLU A 245 5.47 -12.55 6.90
CA GLU A 245 5.19 -13.73 6.09
C GLU A 245 6.42 -14.62 6.00
N GLY A 246 6.24 -15.92 6.23
CA GLY A 246 7.38 -16.83 6.31
C GLY A 246 8.04 -17.12 4.97
N SER A 247 7.27 -17.12 3.88
CA SER A 247 7.90 -17.50 2.61
C SER A 247 8.89 -16.46 2.12
N TYR A 248 8.92 -15.26 2.71
CA TYR A 248 9.91 -14.24 2.34
C TYR A 248 11.18 -14.35 3.17
N SER A 249 11.27 -15.31 4.07
CA SER A 249 12.45 -15.53 4.88
C SER A 249 13.27 -16.69 4.31
N THR A 250 14.56 -16.71 4.65
CA THR A 250 15.42 -17.81 4.23
C THR A 250 15.02 -19.13 4.90
N ASP A 251 14.32 -19.08 6.01
CA ASP A 251 14.00 -20.29 6.76
C ASP A 251 12.71 -20.06 7.50
N PRO A 252 11.57 -20.53 6.96
CA PRO A 252 10.29 -20.31 7.65
C PRO A 252 10.16 -21.10 8.93
N HIS A 253 11.06 -22.05 9.19
CA HIS A 253 10.98 -22.87 10.40
C HIS A 253 11.65 -22.21 11.60
N ASN A 254 12.53 -21.23 11.37
CA ASN A 254 13.21 -20.53 12.46
C ASN A 254 12.41 -19.26 12.74
N PRO A 255 11.75 -19.14 13.90
CA PRO A 255 10.86 -17.98 14.14
C PRO A 255 11.57 -16.64 14.10
N ALA A 256 12.84 -16.58 14.49
CA ALA A 256 13.56 -15.31 14.46
C ALA A 256 14.02 -14.90 13.06
N ALA A 257 14.19 -15.85 12.14
CA ALA A 257 14.79 -15.51 10.84
C ALA A 257 13.96 -14.49 10.09
N ARG A 258 12.65 -14.70 10.01
CA ARG A 258 11.85 -13.78 9.20
C ARG A 258 11.83 -12.38 9.80
N ILE A 259 11.99 -12.29 11.12
CA ILE A 259 11.93 -10.99 11.79
C ILE A 259 13.23 -10.23 11.57
N LEU A 260 14.36 -10.88 11.85
CA LEU A 260 15.65 -10.26 11.57
C LEU A 260 15.79 -9.88 10.11
N GLU A 261 15.32 -10.74 9.20
CA GLU A 261 15.56 -10.47 7.79
C GLU A 261 14.71 -9.31 7.29
N LEU A 262 13.49 -9.17 7.81
CA LEU A 262 12.69 -8.01 7.43
C LEU A 262 13.31 -6.72 7.98
N LYS A 263 13.78 -6.76 9.23
CA LYS A 263 14.40 -5.56 9.81
C LYS A 263 15.66 -5.17 9.06
N ARG A 264 16.46 -6.17 8.65
CA ARG A 264 17.63 -5.89 7.81
C ARG A 264 17.21 -5.20 6.51
N LEU A 265 16.08 -5.64 5.94
CA LEU A 265 15.60 -5.02 4.71
C LEU A 265 15.20 -3.56 4.94
N ILE A 266 14.41 -3.30 5.99
CA ILE A 266 14.00 -1.93 6.28
C ILE A 266 15.22 -1.09 6.65
N GLN A 267 16.15 -1.66 7.42
CA GLN A 267 17.37 -0.93 7.76
C GLN A 267 18.15 -0.56 6.51
N LYS A 268 18.30 -1.49 5.57
CA LYS A 268 19.04 -1.21 4.34
C LYS A 268 18.33 -0.16 3.50
N LEU A 269 17.01 -0.29 3.33
CA LEU A 269 16.28 0.68 2.51
C LEU A 269 16.44 2.08 3.09
N HIS A 270 16.32 2.22 4.41
CA HIS A 270 16.51 3.52 5.03
C HIS A 270 17.90 4.08 4.75
N ALA A 271 18.94 3.23 4.88
CA ALA A 271 20.30 3.67 4.61
C ALA A 271 20.49 4.11 3.16
N ARG A 272 19.71 3.56 2.23
CA ARG A 272 19.84 3.92 0.82
C ARG A 272 18.88 5.02 0.40
N GLY A 273 18.26 5.70 1.36
CA GLY A 273 17.43 6.86 1.06
C GLY A 273 15.96 6.56 0.85
N LEU A 274 15.51 5.35 1.12
CA LEU A 274 14.14 4.92 0.81
C LEU A 274 13.35 4.67 2.08
N ARG A 275 12.09 5.09 2.08
CA ARG A 275 11.14 4.76 3.12
C ARG A 275 10.26 3.59 2.68
N VAL A 276 9.54 3.00 3.62
CA VAL A 276 8.82 1.75 3.39
C VAL A 276 7.36 1.93 3.81
N ILE A 277 6.44 1.58 2.90
CA ILE A 277 5.01 1.58 3.18
C ILE A 277 4.51 0.14 3.18
N MET A 278 3.77 -0.22 4.20
N MET A 278 3.71 -0.20 4.17
CA MET A 278 3.16 -1.55 4.29
CA MET A 278 3.17 -1.55 4.30
C MET A 278 1.73 -1.52 3.77
C MET A 278 1.72 -1.59 3.84
N ASP A 279 1.44 -2.39 2.81
CA ASP A 279 0.07 -2.72 2.43
C ASP A 279 -0.53 -3.58 3.54
N VAL A 280 -1.60 -3.09 4.18
CA VAL A 280 -2.22 -3.79 5.31
C VAL A 280 -3.69 -4.04 5.00
N VAL A 281 -4.20 -5.16 5.51
CA VAL A 281 -5.51 -5.67 5.13
C VAL A 281 -6.31 -5.96 6.39
N TYR A 282 -6.76 -4.90 7.06
CA TYR A 282 -7.53 -5.08 8.29
C TYR A 282 -9.02 -5.21 8.02
N ASN A 283 -9.43 -5.27 6.75
CA ASN A 283 -10.84 -5.34 6.41
C ASN A 283 -11.39 -6.76 6.35
N HIS A 284 -10.54 -7.79 6.27
CA HIS A 284 -11.00 -9.17 6.24
C HIS A 284 -9.86 -10.11 6.60
N VAL A 285 -10.22 -11.32 7.01
CA VAL A 285 -9.28 -12.39 7.31
C VAL A 285 -9.40 -13.49 6.26
N TYR A 286 -8.44 -14.43 6.28
CA TYR A 286 -8.39 -15.43 5.21
C TYR A 286 -9.58 -16.38 5.25
N ASP A 287 -10.13 -16.62 6.44
CA ASP A 287 -11.23 -17.58 6.63
C ASP A 287 -11.91 -17.20 7.94
N GLY A 288 -13.13 -16.66 7.83
CA GLY A 288 -13.84 -16.22 9.02
C GLY A 288 -14.18 -17.34 9.98
N TYR A 289 -14.26 -18.57 9.48
CA TYR A 289 -14.56 -19.73 10.31
C TYR A 289 -13.33 -20.19 11.09
N LEU A 290 -12.16 -20.20 10.46
CA LEU A 290 -10.96 -20.81 11.04
C LEU A 290 -10.08 -19.83 11.81
N ILE A 291 -10.19 -18.53 11.54
CA ILE A 291 -9.27 -17.55 12.15
C ILE A 291 -9.33 -17.61 13.68
N HIS A 292 -8.21 -17.23 14.32
CA HIS A 292 -8.13 -17.24 15.77
C HIS A 292 -9.25 -16.42 16.41
N PHE A 293 -9.63 -15.29 15.79
CA PHE A 293 -10.70 -14.44 16.32
C PHE A 293 -11.96 -15.25 16.62
N THR A 294 -12.43 -16.02 15.63
CA THR A 294 -13.69 -16.74 15.76
C THR A 294 -13.53 -17.94 16.68
N LYS A 295 -12.35 -18.56 16.69
CA LYS A 295 -12.11 -19.67 17.60
C LYS A 295 -12.11 -19.20 19.05
N LEU A 296 -11.56 -18.01 19.32
CA LEU A 296 -11.39 -17.52 20.69
C LEU A 296 -12.58 -16.75 21.22
N VAL A 297 -13.16 -15.85 20.41
CA VAL A 297 -14.35 -15.10 20.80
C VAL A 297 -15.30 -15.08 19.61
N PRO A 298 -16.00 -16.18 19.32
CA PRO A 298 -16.86 -16.19 18.13
C PRO A 298 -17.92 -15.09 18.17
N GLY A 299 -18.16 -14.50 17.00
CA GLY A 299 -19.18 -13.48 16.86
C GLY A 299 -18.75 -12.05 17.17
N TYR A 300 -17.50 -11.83 17.60
CA TYR A 300 -17.13 -10.48 17.99
C TYR A 300 -16.34 -9.72 16.92
N TYR A 301 -15.23 -10.30 16.43
CA TYR A 301 -14.28 -9.56 15.62
C TYR A 301 -14.70 -9.37 14.17
N LEU A 302 -15.72 -10.08 13.70
CA LEU A 302 -16.17 -10.01 12.31
C LEU A 302 -17.60 -9.51 12.26
N ARG A 303 -17.96 -8.91 11.12
CA ARG A 303 -19.29 -8.33 10.95
C ARG A 303 -20.31 -9.40 10.54
N TYR A 304 -21.55 -9.22 11.01
CA TYR A 304 -22.62 -10.15 10.72
C TYR A 304 -23.83 -9.42 10.14
N LYS A 305 -24.55 -10.11 9.26
CA LYS A 305 -25.83 -9.64 8.75
C LYS A 305 -26.94 -9.95 9.76
N ALA A 306 -28.17 -9.61 9.40
CA ALA A 306 -29.28 -9.73 10.35
C ALA A 306 -29.53 -11.19 10.76
N ASP A 307 -29.30 -12.13 9.84
CA ASP A 307 -29.51 -13.56 10.10
C ASP A 307 -28.29 -14.22 10.78
N ARG A 308 -27.36 -13.42 11.30
CA ARG A 308 -26.17 -13.91 12.00
C ARG A 308 -25.29 -14.77 11.09
N THR A 309 -25.24 -14.41 9.81
CA THR A 309 -24.21 -14.87 8.89
C THR A 309 -23.26 -13.72 8.58
N PHE A 310 -22.09 -14.04 8.05
CA PHE A 310 -21.08 -13.03 7.77
C PHE A 310 -21.60 -12.00 6.77
N SER A 311 -21.33 -10.72 7.04
CA SER A 311 -21.41 -9.68 6.02
C SER A 311 -20.21 -9.82 5.09
N ASP A 312 -20.48 -9.82 3.78
CA ASP A 312 -19.44 -10.12 2.81
C ASP A 312 -19.24 -8.99 1.81
N GLY A 313 -19.10 -7.76 2.30
CA GLY A 313 -18.83 -6.63 1.42
C GLY A 313 -17.45 -6.65 0.80
N THR A 314 -16.52 -7.40 1.40
CA THR A 314 -15.17 -7.57 0.84
C THR A 314 -15.17 -8.45 -0.40
N PHE A 315 -16.22 -9.27 -0.58
CA PHE A 315 -16.19 -10.39 -1.52
C PHE A 315 -15.03 -11.35 -1.22
N CYS A 316 -14.60 -11.40 0.04
CA CYS A 316 -13.58 -12.34 0.48
C CYS A 316 -14.10 -13.27 1.57
N GLY A 317 -15.41 -13.26 1.85
CA GLY A 317 -16.03 -14.14 2.80
C GLY A 317 -16.41 -13.50 4.11
N ASN A 318 -15.78 -12.39 4.48
CA ASN A 318 -16.00 -11.79 5.79
C ASN A 318 -15.51 -10.35 5.77
N GLU A 319 -15.89 -9.61 6.82
CA GLU A 319 -15.38 -8.28 7.11
C GLU A 319 -15.02 -8.20 8.58
N CYS A 320 -13.91 -7.54 8.88
CA CYS A 320 -13.56 -7.26 10.27
C CYS A 320 -14.41 -6.13 10.81
N ALA A 321 -14.89 -6.31 12.04
CA ALA A 321 -15.79 -5.34 12.69
C ALA A 321 -14.94 -4.25 13.33
N SER A 322 -14.34 -3.42 12.46
CA SER A 322 -13.41 -2.40 12.93
C SER A 322 -14.06 -1.46 13.93
N GLU A 323 -15.38 -1.32 13.85
CA GLU A 323 -16.11 -0.34 14.65
C GLU A 323 -16.33 -0.79 16.08
N ARG A 324 -16.17 -2.08 16.38
CA ARG A 324 -16.32 -2.49 17.77
C ARG A 324 -15.01 -2.23 18.54
N PRO A 325 -15.11 -1.69 19.75
CA PRO A 325 -13.92 -1.09 20.39
C PRO A 325 -12.72 -2.02 20.54
N ILE A 326 -12.92 -3.31 20.80
CA ILE A 326 -11.78 -4.21 21.00
C ILE A 326 -11.09 -4.49 19.68
N MET A 327 -11.83 -4.49 18.57
CA MET A 327 -11.22 -4.65 17.25
C MET A 327 -10.59 -3.36 16.75
N ARG A 328 -11.19 -2.20 17.05
CA ARG A 328 -10.50 -0.94 16.80
C ARG A 328 -9.18 -0.91 17.55
N LYS A 329 -9.19 -1.28 18.84
CA LYS A 329 -7.97 -1.39 19.62
C LYS A 329 -6.98 -2.36 18.99
N TYR A 330 -7.48 -3.50 18.51
CA TYR A 330 -6.59 -4.51 17.91
C TYR A 330 -5.88 -3.94 16.69
N ILE A 331 -6.63 -3.30 15.79
CA ILE A 331 -6.06 -2.76 14.57
C ILE A 331 -5.01 -1.71 14.91
N ILE A 332 -5.34 -0.83 15.84
CA ILE A 332 -4.45 0.28 16.17
C ILE A 332 -3.18 -0.25 16.82
N GLU A 333 -3.30 -1.19 17.74
CA GLU A 333 -2.11 -1.73 18.39
C GLU A 333 -1.28 -2.56 17.41
N SER A 334 -1.93 -3.16 16.40
CA SER A 334 -1.19 -3.83 15.34
C SER A 334 -0.34 -2.84 14.55
N ILE A 335 -0.96 -1.75 14.08
CA ILE A 335 -0.23 -0.72 13.34
C ILE A 335 0.94 -0.19 14.16
N LEU A 336 0.72 0.07 15.45
CA LEU A 336 1.79 0.64 16.26
C LEU A 336 2.92 -0.36 16.49
N HIS A 337 2.59 -1.65 16.54
CA HIS A 337 3.63 -2.66 16.58
C HIS A 337 4.54 -2.58 15.35
N TRP A 338 3.95 -2.48 14.15
CA TRP A 338 4.77 -2.38 12.96
C TRP A 338 5.61 -1.11 12.97
N VAL A 339 5.06 -0.02 13.53
CA VAL A 339 5.84 1.23 13.64
C VAL A 339 6.98 1.05 14.64
N ARG A 340 6.69 0.54 15.83
N ARG A 340 6.67 0.57 15.84
CA ARG A 340 7.71 0.54 16.89
CA ARG A 340 7.67 0.52 16.92
C ARG A 340 8.72 -0.58 16.70
C ARG A 340 8.72 -0.56 16.65
N GLU A 341 8.28 -1.76 16.28
CA GLU A 341 9.21 -2.88 16.14
C GLU A 341 9.93 -2.90 14.79
N TYR A 342 9.27 -2.47 13.71
CA TYR A 342 9.86 -2.59 12.38
C TYR A 342 10.18 -1.25 11.72
N HIS A 343 9.87 -0.12 12.37
CA HIS A 343 10.28 1.20 11.90
C HIS A 343 9.62 1.54 10.56
N ILE A 344 8.37 1.10 10.38
CA ILE A 344 7.64 1.28 9.13
C ILE A 344 7.27 2.76 8.94
N ASP A 345 7.28 3.23 7.69
CA ASP A 345 7.11 4.65 7.38
C ASP A 345 5.75 5.01 6.83
N GLY A 346 4.84 4.06 6.67
CA GLY A 346 3.55 4.37 6.08
C GLY A 346 2.71 3.12 5.94
N PHE A 347 1.42 3.34 5.77
CA PHE A 347 0.45 2.27 5.63
C PHE A 347 -0.50 2.57 4.48
N ARG A 348 -0.74 1.56 3.65
CA ARG A 348 -1.74 1.61 2.58
C ARG A 348 -2.87 0.68 2.98
N PHE A 349 -4.08 1.22 3.13
CA PHE A 349 -5.19 0.46 3.70
C PHE A 349 -6.01 -0.13 2.56
N ASP A 350 -5.80 -1.42 2.32
CA ASP A 350 -6.66 -2.21 1.45
C ASP A 350 -8.12 -2.03 1.83
N LEU A 351 -8.97 -1.81 0.83
CA LEU A 351 -10.41 -1.64 1.01
C LEU A 351 -10.72 -0.78 2.23
N MET A 352 -10.09 0.40 2.28
CA MET A 352 -10.28 1.30 3.40
C MET A 352 -11.74 1.70 3.59
N GLY A 353 -12.53 1.67 2.51
CA GLY A 353 -13.94 2.01 2.61
C GLY A 353 -14.77 1.01 3.39
N MET A 354 -14.18 -0.12 3.78
N MET A 354 -14.18 -0.10 3.81
CA MET A 354 -14.79 -1.09 4.68
CA MET A 354 -14.83 -1.05 4.70
C MET A 354 -14.47 -0.81 6.15
C MET A 354 -14.46 -0.82 6.15
N ILE A 355 -13.60 0.15 6.42
CA ILE A 355 -13.21 0.53 7.77
C ILE A 355 -13.96 1.81 8.12
N ASP A 356 -14.32 1.94 9.39
CA ASP A 356 -15.11 3.07 9.84
C ASP A 356 -14.24 4.31 10.04
N ILE A 357 -14.87 5.48 9.91
CA ILE A 357 -14.15 6.75 9.97
C ILE A 357 -13.44 6.94 11.32
N GLU A 358 -14.13 6.63 12.42
CA GLU A 358 -13.52 6.87 13.74
C GLU A 358 -12.21 6.10 13.87
N THR A 359 -12.18 4.84 13.42
CA THR A 359 -10.96 4.03 13.46
C THR A 359 -9.86 4.64 12.61
N MET A 360 -10.19 5.09 11.38
CA MET A 360 -9.14 5.66 10.55
C MET A 360 -8.56 6.92 11.18
N ASN A 361 -9.43 7.78 11.72
CA ASN A 361 -8.93 9.04 12.29
C ASN A 361 -8.10 8.80 13.56
N GLU A 362 -8.48 7.81 14.35
CA GLU A 362 -7.66 7.45 15.51
C GLU A 362 -6.30 6.90 15.08
N ILE A 363 -6.26 6.11 14.00
CA ILE A 363 -4.98 5.65 13.45
C ILE A 363 -4.12 6.85 13.07
N ARG A 364 -4.70 7.78 12.30
CA ARG A 364 -3.94 8.96 11.87
C ARG A 364 -3.46 9.76 13.06
N ARG A 365 -4.28 9.86 14.12
CA ARG A 365 -3.86 10.63 15.30
C ARG A 365 -2.70 9.96 16.01
N ARG A 366 -2.79 8.65 16.25
CA ARG A 366 -1.73 7.96 16.99
C ARG A 366 -0.42 7.96 16.22
N LEU A 367 -0.49 7.91 14.88
CA LEU A 367 0.73 8.01 14.09
C LEU A 367 1.30 9.42 14.14
N ASP A 368 0.42 10.43 14.08
CA ASP A 368 0.87 11.82 14.18
C ASP A 368 1.59 12.10 15.48
N GLU A 369 1.16 11.48 16.57
CA GLU A 369 1.82 11.67 17.87
C GLU A 369 3.24 11.17 17.87
N ILE A 370 3.54 10.17 17.05
CA ILE A 370 4.87 9.59 16.94
C ILE A 370 5.68 10.29 15.86
N ASP A 371 5.13 10.41 14.65
CA ASP A 371 5.85 11.01 13.53
C ASP A 371 4.86 11.37 12.44
N PRO A 372 4.51 12.66 12.30
CA PRO A 372 3.55 13.09 11.28
C PRO A 372 3.93 12.74 9.85
N THR A 373 5.21 12.50 9.55
CA THR A 373 5.60 12.17 8.19
C THR A 373 5.27 10.73 7.81
N ILE A 374 4.82 9.90 8.77
CA ILE A 374 4.34 8.57 8.44
C ILE A 374 3.09 8.69 7.57
N LEU A 375 3.06 7.96 6.45
CA LEU A 375 2.00 8.10 5.47
C LEU A 375 0.82 7.20 5.80
N THR A 376 -0.38 7.68 5.48
CA THR A 376 -1.60 6.86 5.49
C THR A 376 -2.33 7.11 4.17
N ILE A 377 -2.42 6.09 3.33
CA ILE A 377 -3.23 6.14 2.10
C ILE A 377 -4.11 4.91 2.07
N GLY A 378 -5.11 4.92 1.19
CA GLY A 378 -5.99 3.75 1.16
C GLY A 378 -6.97 3.77 0.01
N GLU A 379 -7.65 2.65 -0.13
CA GLU A 379 -8.69 2.45 -1.16
C GLU A 379 -10.00 2.96 -0.59
N GLY A 380 -10.29 4.23 -0.84
CA GLY A 380 -11.53 4.82 -0.35
C GLY A 380 -12.71 4.59 -1.27
N TRP A 381 -12.90 3.34 -1.73
CA TRP A 381 -14.02 3.05 -2.62
C TRP A 381 -15.34 3.06 -1.84
N MET A 382 -16.40 3.51 -2.51
CA MET A 382 -17.76 3.36 -2.00
C MET A 382 -18.22 1.92 -2.19
N MET A 383 -18.50 1.21 -1.10
N MET A 383 -18.50 1.22 -1.09
CA MET A 383 -18.86 -0.20 -1.17
CA MET A 383 -18.83 -0.19 -1.10
C MET A 383 -19.89 -0.54 -0.11
C MET A 383 -19.96 -0.46 -0.12
N GLU A 384 -20.87 -1.36 -0.49
CA GLU A 384 -21.97 -1.72 0.41
C GLU A 384 -21.51 -2.70 1.47
N THR A 385 -21.92 -2.44 2.70
N THR A 385 -21.89 -2.40 2.72
CA THR A 385 -21.64 -3.31 3.85
CA THR A 385 -21.62 -3.24 3.88
C THR A 385 -22.63 -2.95 4.95
C THR A 385 -22.74 -3.03 4.89
N VAL A 386 -22.71 -3.81 5.97
CA VAL A 386 -23.59 -3.51 7.09
C VAL A 386 -23.10 -2.29 7.87
N LEU A 387 -21.86 -1.87 7.68
CA LEU A 387 -21.40 -0.62 8.26
C LEU A 387 -22.19 0.54 7.64
N PRO A 388 -22.78 1.42 8.46
CA PRO A 388 -23.59 2.51 7.90
C PRO A 388 -22.82 3.39 6.93
N LYS A 389 -23.54 3.90 5.94
CA LYS A 389 -22.93 4.67 4.85
C LYS A 389 -22.15 5.87 5.36
N GLU A 390 -22.72 6.60 6.32
CA GLU A 390 -22.06 7.82 6.79
C GLU A 390 -20.85 7.54 7.67
N LEU A 391 -20.54 6.28 7.95
CA LEU A 391 -19.38 5.92 8.75
C LEU A 391 -18.25 5.27 7.94
N ARG A 392 -18.42 5.08 6.64
CA ARG A 392 -17.41 4.42 5.82
C ARG A 392 -16.29 5.40 5.45
N ALA A 393 -15.05 4.92 5.52
CA ALA A 393 -13.87 5.76 5.27
C ALA A 393 -13.59 5.76 3.78
N ASN A 394 -14.38 6.54 3.03
CA ASN A 394 -14.34 6.53 1.57
C ASN A 394 -14.34 7.95 1.03
N GLN A 395 -14.37 8.08 -0.30
CA GLN A 395 -14.25 9.38 -0.95
C GLN A 395 -15.42 10.30 -0.59
N ASP A 396 -16.65 9.75 -0.58
CA ASP A 396 -17.81 10.55 -0.21
C ASP A 396 -17.62 11.26 1.13
N ASN A 397 -16.92 10.61 2.07
CA ASN A 397 -16.76 11.14 3.42
C ASN A 397 -15.36 11.70 3.67
N ALA A 398 -14.63 12.07 2.61
CA ALA A 398 -13.23 12.47 2.79
C ALA A 398 -13.07 13.74 3.62
N GLU A 399 -14.10 14.60 3.69
CA GLU A 399 -13.99 15.79 4.52
C GLU A 399 -13.84 15.43 6.00
N LYS A 400 -14.25 14.22 6.38
CA LYS A 400 -14.11 13.74 7.75
C LYS A 400 -12.82 12.98 7.98
N LEU A 401 -11.96 12.85 6.97
CA LEU A 401 -10.74 12.06 7.04
C LEU A 401 -9.52 12.90 6.68
N PRO A 402 -9.25 13.99 7.41
CA PRO A 402 -8.14 14.86 7.03
C PRO A 402 -6.80 14.15 7.10
N GLY A 403 -5.93 14.44 6.13
CA GLY A 403 -4.58 13.89 6.13
C GLY A 403 -4.45 12.46 5.64
N ILE A 404 -5.53 11.84 5.18
CA ILE A 404 -5.50 10.47 4.69
C ILE A 404 -5.65 10.49 3.17
N GLY A 405 -4.69 9.90 2.45
CA GLY A 405 -4.74 9.91 1.00
C GLY A 405 -5.62 8.78 0.45
N MET A 406 -6.24 9.04 -0.69
CA MET A 406 -7.09 8.07 -1.36
C MET A 406 -6.73 7.95 -2.82
N PHE A 407 -6.70 6.71 -3.33
CA PHE A 407 -6.39 6.51 -4.74
C PHE A 407 -7.43 7.21 -5.60
N ASN A 408 -6.96 8.03 -6.54
CA ASN A 408 -7.87 8.85 -7.35
C ASN A 408 -8.22 8.04 -8.60
N ASP A 409 -9.32 7.29 -8.53
CA ASP A 409 -9.71 6.46 -9.67
C ASP A 409 -10.25 7.30 -10.82
N GLY A 410 -10.90 8.44 -10.53
CA GLY A 410 -11.35 9.32 -11.59
C GLY A 410 -10.21 9.79 -12.48
N MET A 411 -9.07 10.14 -11.90
CA MET A 411 -7.88 10.53 -12.67
C MET A 411 -7.35 9.36 -13.48
N ARG A 412 -7.22 8.19 -12.83
CA ARG A 412 -6.76 6.97 -13.50
C ARG A 412 -7.55 6.72 -14.79
N ASP A 413 -8.88 6.70 -14.69
CA ASP A 413 -9.73 6.39 -15.84
C ASP A 413 -9.67 7.50 -16.90
N ALA A 414 -9.58 8.76 -16.49
CA ALA A 414 -9.53 9.83 -17.49
C ALA A 414 -8.27 9.73 -18.33
N VAL A 415 -7.16 9.32 -17.72
CA VAL A 415 -5.86 9.26 -18.41
C VAL A 415 -5.79 8.07 -19.37
N LYS A 416 -6.05 6.84 -18.88
CA LYS A 416 -5.79 5.68 -19.72
C LYS A 416 -7.04 4.99 -20.24
N GLY A 417 -8.23 5.44 -19.85
CA GLY A 417 -9.45 4.83 -20.34
C GLY A 417 -10.03 3.83 -19.35
N ASP A 418 -11.24 3.37 -19.67
CA ASP A 418 -12.09 2.67 -18.71
C ASP A 418 -11.45 1.37 -18.22
N ILE A 419 -11.57 1.12 -16.93
CA ILE A 419 -10.89 -0.01 -16.31
C ILE A 419 -11.59 -1.35 -16.56
N PHE A 420 -12.90 -1.34 -16.86
N PHE A 420 -12.89 -1.33 -16.88
CA PHE A 420 -13.63 -2.59 -17.10
CA PHE A 420 -13.69 -2.53 -17.08
C PHE A 420 -13.99 -2.82 -18.56
C PHE A 420 -14.06 -2.81 -18.53
N ILE A 421 -14.29 -1.78 -19.33
CA ILE A 421 -14.56 -1.93 -20.76
C ILE A 421 -13.21 -1.78 -21.44
N PHE A 422 -12.63 -2.91 -21.87
CA PHE A 422 -11.19 -2.96 -22.09
C PHE A 422 -10.76 -2.12 -23.29
N ASP A 423 -11.59 -2.02 -24.33
CA ASP A 423 -11.18 -1.30 -25.53
C ASP A 423 -11.49 0.19 -25.46
N ARG A 424 -12.00 0.70 -24.34
CA ARG A 424 -12.35 2.12 -24.23
C ARG A 424 -11.11 2.99 -24.10
N LYS A 425 -10.96 3.95 -25.02
CA LYS A 425 -9.84 4.88 -24.97
C LYS A 425 -10.03 5.88 -23.84
N GLY A 426 -8.92 6.51 -23.44
CA GLY A 426 -8.99 7.69 -22.59
C GLY A 426 -8.17 8.83 -23.18
N PHE A 427 -7.73 9.77 -22.33
CA PHE A 427 -7.03 10.96 -22.84
C PHE A 427 -5.78 10.57 -23.64
N ILE A 428 -4.92 9.69 -23.10
CA ILE A 428 -3.65 9.43 -23.76
C ILE A 428 -3.84 8.74 -25.12
N SER A 429 -4.90 7.94 -25.27
CA SER A 429 -5.08 7.15 -26.48
C SER A 429 -6.02 7.79 -27.49
N GLY A 430 -6.35 9.07 -27.30
CA GLY A 430 -7.11 9.80 -28.30
C GLY A 430 -8.60 9.78 -28.13
N GLY A 431 -9.10 9.30 -27.00
CA GLY A 431 -10.54 9.40 -26.74
C GLY A 431 -10.99 10.84 -26.68
N ASP A 432 -12.29 11.02 -26.84
CA ASP A 432 -12.92 12.34 -26.92
C ASP A 432 -13.45 12.77 -25.56
N GLY A 433 -13.13 13.99 -25.14
CA GLY A 433 -13.77 14.59 -23.99
C GLY A 433 -13.22 14.21 -22.63
N PHE A 434 -11.96 13.80 -22.56
CA PHE A 434 -11.34 13.43 -21.29
C PHE A 434 -10.48 14.53 -20.70
N GLU A 435 -10.49 15.71 -21.30
CA GLU A 435 -9.62 16.80 -20.85
C GLU A 435 -9.97 17.25 -19.44
N ASP A 436 -11.27 17.45 -19.16
CA ASP A 436 -11.66 17.92 -17.82
C ASP A 436 -11.29 16.90 -16.74
N GLY A 437 -11.42 15.61 -17.04
CA GLY A 437 -11.05 14.61 -16.05
C GLY A 437 -9.56 14.61 -15.72
N VAL A 438 -8.73 14.80 -16.75
CA VAL A 438 -7.30 14.99 -16.51
C VAL A 438 -7.07 16.25 -15.67
N LYS A 439 -7.75 17.35 -16.00
CA LYS A 439 -7.57 18.61 -15.28
C LYS A 439 -7.95 18.47 -13.81
N ARG A 440 -9.04 17.75 -13.52
CA ARG A 440 -9.43 17.53 -12.13
C ARG A 440 -8.29 16.88 -11.34
N GLY A 441 -7.57 15.95 -11.94
CA GLY A 441 -6.45 15.29 -11.29
C GLY A 441 -5.20 16.17 -11.20
N VAL A 442 -4.93 16.97 -12.24
CA VAL A 442 -3.83 17.91 -12.18
C VAL A 442 -3.96 18.81 -10.96
N ALA A 443 -5.19 19.23 -10.64
CA ALA A 443 -5.47 20.09 -9.49
C ALA A 443 -5.47 19.33 -8.16
N GLY A 444 -5.05 18.08 -8.14
CA GLY A 444 -5.02 17.36 -6.89
C GLY A 444 -6.35 16.83 -6.42
N GLY A 445 -7.35 16.78 -7.30
CA GLY A 445 -8.65 16.29 -6.91
C GLY A 445 -9.42 17.19 -5.97
N ILE A 446 -8.97 18.43 -5.75
CA ILE A 446 -9.60 19.37 -4.83
C ILE A 446 -10.82 20.02 -5.44
N ASN A 447 -11.52 20.85 -4.67
CA ASN A 447 -12.57 21.69 -5.23
C ASN A 447 -11.87 22.90 -5.85
N TYR A 448 -11.44 22.74 -7.10
CA TYR A 448 -10.69 23.81 -7.76
C TYR A 448 -11.61 24.94 -8.18
N GLY A 449 -12.71 24.60 -8.84
CA GLY A 449 -13.68 25.59 -9.25
C GLY A 449 -14.52 25.06 -10.40
N GLY A 450 -15.78 25.48 -10.47
CA GLY A 450 -16.62 25.08 -11.58
C GLY A 450 -16.83 23.58 -11.62
N GLN A 451 -16.62 23.02 -12.81
CA GLN A 451 -16.69 21.59 -13.04
C GLN A 451 -15.47 20.83 -12.51
N LEU A 452 -14.41 21.54 -12.12
CA LEU A 452 -13.14 20.90 -11.75
C LEU A 452 -13.13 20.69 -10.24
N ARG A 453 -13.75 19.59 -9.83
CA ARG A 453 -13.91 19.29 -8.41
C ARG A 453 -13.97 17.78 -8.23
N GLN A 454 -13.23 17.26 -7.24
CA GLN A 454 -13.41 15.86 -6.88
C GLN A 454 -13.62 15.76 -5.38
N PHE A 455 -13.18 14.65 -4.77
CA PHE A 455 -13.49 14.35 -3.39
C PHE A 455 -12.52 14.99 -2.38
N ALA A 456 -11.35 15.45 -2.82
CA ALA A 456 -10.34 15.91 -1.88
C ALA A 456 -10.62 17.33 -1.40
N VAL A 457 -10.40 17.55 -0.10
CA VAL A 457 -10.37 18.90 0.45
C VAL A 457 -8.97 19.50 0.27
N GLU A 458 -7.94 18.71 0.52
CA GLU A 458 -6.54 19.06 0.43
C GLU A 458 -5.82 18.06 -0.46
N PRO A 459 -4.78 18.49 -1.19
CA PRO A 459 -4.14 17.57 -2.16
C PRO A 459 -3.44 16.40 -1.51
N VAL A 460 -3.12 16.46 -0.22
CA VAL A 460 -2.57 15.29 0.47
C VAL A 460 -3.56 14.13 0.52
N GLN A 461 -4.80 14.35 0.11
CA GLN A 461 -5.82 13.31 0.10
C GLN A 461 -5.97 12.62 -1.25
N SER A 462 -5.15 12.97 -2.24
CA SER A 462 -5.32 12.45 -3.59
C SER A 462 -4.04 11.76 -4.02
N VAL A 463 -4.14 10.47 -4.33
CA VAL A 463 -3.01 9.66 -4.80
C VAL A 463 -3.22 9.40 -6.29
N ASN A 464 -2.29 9.86 -7.12
CA ASN A 464 -2.41 9.78 -8.57
C ASN A 464 -1.68 8.57 -9.09
N TYR A 465 -2.34 7.80 -9.98
CA TYR A 465 -1.75 6.59 -10.52
C TYR A 465 -2.43 6.21 -11.82
N VAL A 466 -1.66 5.58 -12.70
CA VAL A 466 -2.15 4.97 -13.93
C VAL A 466 -1.80 3.49 -14.02
N GLU A 467 -1.22 2.93 -12.96
CA GLU A 467 -0.93 1.50 -12.88
C GLU A 467 -0.78 1.15 -11.41
N CYS A 468 -1.23 -0.04 -11.05
CA CYS A 468 -0.98 -0.61 -9.73
C CYS A 468 -1.08 -2.13 -9.89
N HIS A 469 -0.97 -2.84 -8.76
CA HIS A 469 -0.98 -4.31 -8.86
C HIS A 469 -2.32 -4.82 -9.37
N ASP A 470 -3.41 -4.08 -9.11
CA ASP A 470 -4.75 -4.46 -9.57
C ASP A 470 -4.93 -4.10 -11.05
N ASN A 471 -5.79 -4.86 -11.73
CA ASN A 471 -6.26 -4.59 -13.11
C ASN A 471 -5.12 -4.67 -14.12
N HIS A 472 -5.40 -4.40 -15.39
CA HIS A 472 -4.35 -4.51 -16.39
C HIS A 472 -3.26 -3.49 -16.11
N THR A 473 -2.01 -3.85 -16.41
CA THR A 473 -0.98 -2.84 -16.42
C THR A 473 -1.34 -1.74 -17.43
N LEU A 474 -0.67 -0.60 -17.30
CA LEU A 474 -0.88 0.49 -18.26
C LEU A 474 -0.58 0.03 -19.68
N TRP A 475 0.57 -0.63 -19.88
CA TRP A 475 0.91 -1.17 -21.20
C TRP A 475 -0.19 -2.09 -21.73
N ASP A 476 -0.72 -2.96 -20.85
CA ASP A 476 -1.68 -3.96 -21.31
C ASP A 476 -3.03 -3.33 -21.61
N LYS A 477 -3.46 -2.34 -20.83
CA LYS A 477 -4.67 -1.58 -21.14
C LYS A 477 -4.52 -0.84 -22.47
N ILE A 478 -3.35 -0.25 -22.72
CA ILE A 478 -3.13 0.42 -24.00
C ILE A 478 -3.27 -0.58 -25.14
N GLU A 479 -2.68 -1.77 -24.98
CA GLU A 479 -2.73 -2.79 -26.02
C GLU A 479 -4.16 -3.26 -26.29
N LEU A 480 -5.04 -3.17 -25.29
CA LEU A 480 -6.43 -3.56 -25.49
C LEU A 480 -7.26 -2.46 -26.13
N SER A 481 -6.75 -1.23 -26.23
CA SER A 481 -7.61 -0.10 -26.58
C SER A 481 -7.10 0.71 -27.77
N THR A 482 -6.03 0.30 -28.43
CA THR A 482 -5.47 1.06 -29.55
C THR A 482 -5.24 0.15 -30.76
N PRO A 483 -6.30 -0.41 -31.33
CA PRO A 483 -6.13 -1.40 -32.42
C PRO A 483 -5.32 -0.91 -33.61
N GLY A 484 -5.43 0.36 -33.96
CA GLY A 484 -4.69 0.86 -35.10
C GLY A 484 -3.37 1.53 -34.80
N ALA A 485 -2.84 1.34 -33.58
CA ALA A 485 -1.63 2.02 -33.15
C ALA A 485 -0.41 1.13 -33.31
N SER A 486 0.72 1.76 -33.66
CA SER A 486 2.00 1.08 -33.73
C SER A 486 2.60 0.95 -32.33
N ASP A 487 3.67 0.17 -32.24
CA ASP A 487 4.33 -0.01 -30.95
C ASP A 487 4.95 1.30 -30.47
N GLU A 488 5.59 2.05 -31.38
CA GLU A 488 6.16 3.34 -31.00
C GLU A 488 5.07 4.29 -30.51
N GLU A 489 3.92 4.29 -31.19
CA GLU A 489 2.83 5.16 -30.78
C GLU A 489 2.31 4.77 -29.40
N ARG A 490 2.27 3.47 -29.12
CA ARG A 490 1.84 3.00 -27.80
C ARG A 490 2.84 3.39 -26.72
N ARG A 491 4.14 3.28 -27.01
N ARG A 491 4.14 3.31 -27.03
CA ARG A 491 5.16 3.69 -26.05
CA ARG A 491 5.16 3.69 -26.05
C ARG A 491 5.03 5.18 -25.72
C ARG A 491 5.10 5.18 -25.73
N ALA A 492 4.77 6.02 -26.73
CA ALA A 492 4.59 7.45 -26.47
C ALA A 492 3.37 7.70 -25.60
N MET A 493 2.27 6.97 -25.82
CA MET A 493 1.10 7.13 -24.97
C MET A 493 1.41 6.74 -23.53
N HIS A 494 2.14 5.63 -23.38
CA HIS A 494 2.55 5.15 -22.05
C HIS A 494 3.38 6.19 -21.32
N ARG A 495 4.40 6.73 -22.00
CA ARG A 495 5.23 7.78 -21.41
C ARG A 495 4.40 9.00 -21.01
N LEU A 496 3.43 9.38 -21.84
CA LEU A 496 2.59 10.53 -21.50
C LEU A 496 1.84 10.30 -20.20
N ALA A 497 1.28 9.09 -20.02
CA ALA A 497 0.55 8.80 -18.80
C ALA A 497 1.43 8.95 -17.57
N SER A 498 2.65 8.42 -17.63
CA SER A 498 3.59 8.56 -16.51
C SER A 498 3.89 10.02 -16.22
N ALA A 499 4.08 10.82 -17.26
CA ALA A 499 4.40 12.23 -17.04
C ALA A 499 3.26 12.97 -16.38
N ILE A 500 2.01 12.63 -16.71
CA ILE A 500 0.86 13.25 -16.09
C ILE A 500 0.83 12.96 -14.60
N VAL A 501 1.08 11.70 -14.22
CA VAL A 501 1.15 11.38 -12.79
C VAL A 501 2.20 12.24 -12.11
N LEU A 502 3.38 12.38 -12.72
CA LEU A 502 4.45 13.03 -11.97
C LEU A 502 4.40 14.55 -12.05
N THR A 503 3.52 15.16 -12.84
CA THR A 503 3.42 16.61 -12.85
C THR A 503 2.07 17.11 -12.32
N SER A 504 1.27 16.23 -11.73
CA SER A 504 -0.01 16.59 -11.14
C SER A 504 0.13 16.89 -9.65
N GLN A 505 -0.75 17.75 -9.14
CA GLN A 505 -0.77 17.97 -7.70
C GLN A 505 -1.30 16.73 -6.98
N GLY A 506 -0.85 16.52 -5.75
CA GLY A 506 -1.15 15.31 -5.00
C GLY A 506 0.07 14.45 -4.82
N ILE A 507 -0.18 13.15 -4.58
CA ILE A 507 0.86 12.19 -4.23
C ILE A 507 1.05 11.24 -5.43
N PRO A 508 2.21 11.27 -6.09
CA PRO A 508 2.41 10.39 -7.26
C PRO A 508 2.75 8.96 -6.85
N PHE A 509 2.16 8.01 -7.57
CA PHE A 509 2.24 6.59 -7.24
C PHE A 509 2.55 5.82 -8.54
N LEU A 510 3.62 5.02 -8.51
CA LEU A 510 4.07 4.23 -9.65
C LEU A 510 4.04 2.75 -9.30
N HIS A 511 3.68 1.92 -10.28
CA HIS A 511 3.71 0.47 -10.10
C HIS A 511 5.07 -0.04 -10.52
N ALA A 512 5.69 -0.90 -9.70
CA ALA A 512 7.01 -1.42 -10.05
C ALA A 512 6.99 -2.03 -11.45
N GLY A 513 7.96 -1.63 -12.28
CA GLY A 513 8.03 -2.06 -13.66
C GLY A 513 7.33 -1.15 -14.65
N GLN A 514 6.44 -0.25 -14.18
CA GLN A 514 5.85 0.73 -15.08
C GLN A 514 6.94 1.48 -15.86
N GLU A 515 8.10 1.70 -15.23
CA GLU A 515 9.21 2.36 -15.92
C GLU A 515 9.72 1.59 -17.13
N PHE A 516 9.54 0.26 -17.20
CA PHE A 516 9.88 -0.48 -18.42
C PHE A 516 8.64 -1.09 -19.06
N MET A 517 7.51 -0.38 -18.99
N MET A 517 7.52 -0.38 -18.96
CA MET A 517 6.27 -0.77 -19.70
CA MET A 517 6.28 -0.74 -19.65
C MET A 517 5.85 -2.18 -19.34
C MET A 517 5.87 -2.18 -19.33
N ARG A 518 5.86 -2.47 -18.03
CA ARG A 518 5.56 -3.82 -17.53
C ARG A 518 4.29 -4.40 -18.12
N THR A 519 4.38 -5.65 -18.57
CA THR A 519 3.24 -6.39 -19.08
C THR A 519 3.04 -7.65 -18.27
N LYS A 520 1.78 -8.08 -18.17
CA LYS A 520 1.42 -9.37 -17.59
C LYS A 520 0.82 -10.30 -18.64
N GLY A 521 1.14 -10.06 -19.92
CA GLY A 521 0.54 -10.84 -21.00
C GLY A 521 -0.98 -10.78 -21.02
N GLY A 522 -1.55 -9.62 -20.68
CA GLY A 522 -2.98 -9.43 -20.67
C GLY A 522 -3.71 -9.92 -19.45
N VAL A 523 -3.01 -10.50 -18.46
CA VAL A 523 -3.70 -10.98 -17.27
C VAL A 523 -4.21 -9.78 -16.47
N GLU A 524 -5.49 -9.80 -16.16
CA GLU A 524 -6.14 -8.64 -15.55
C GLU A 524 -6.08 -8.68 -14.01
N ASN A 525 -6.06 -9.87 -13.42
CA ASN A 525 -6.06 -10.02 -11.96
C ASN A 525 -5.05 -11.13 -11.64
N SER A 526 -3.78 -10.75 -11.41
CA SER A 526 -2.71 -11.74 -11.38
C SER A 526 -2.40 -12.26 -9.96
N TYR A 527 -3.37 -12.21 -9.02
CA TYR A 527 -3.09 -12.48 -7.60
C TYR A 527 -2.48 -13.84 -7.35
N LYS A 528 -2.81 -14.86 -8.17
CA LYS A 528 -2.22 -16.17 -7.95
C LYS A 528 -1.63 -16.75 -9.23
N SER A 529 -1.40 -15.90 -10.24
CA SER A 529 -0.73 -16.32 -11.44
C SER A 529 0.74 -16.67 -11.15
N PRO A 530 1.35 -17.55 -11.96
CA PRO A 530 2.73 -17.97 -11.68
C PRO A 530 3.72 -16.84 -11.85
N ILE A 531 4.97 -17.12 -11.44
CA ILE A 531 6.01 -16.10 -11.51
C ILE A 531 6.26 -15.65 -12.96
N GLU A 532 6.00 -16.52 -13.95
CA GLU A 532 6.19 -16.12 -15.34
C GLU A 532 5.31 -14.93 -15.70
N VAL A 533 4.16 -14.80 -15.05
CA VAL A 533 3.28 -13.65 -15.24
C VAL A 533 3.71 -12.47 -14.36
N ASN A 534 4.12 -12.74 -13.12
CA ASN A 534 4.20 -11.72 -12.08
C ASN A 534 5.61 -11.17 -11.83
N TRP A 535 6.66 -11.79 -12.34
CA TRP A 535 8.00 -11.30 -11.99
C TRP A 535 8.28 -9.95 -12.63
N LEU A 536 9.19 -9.20 -12.00
CA LEU A 536 9.81 -8.08 -12.72
C LEU A 536 10.75 -8.68 -13.76
N ASP A 537 10.46 -8.43 -15.03
CA ASP A 537 11.20 -9.06 -16.14
C ASP A 537 12.42 -8.22 -16.44
N TRP A 538 13.57 -8.60 -15.87
CA TRP A 538 14.79 -7.81 -16.06
C TRP A 538 15.32 -7.89 -17.49
N GLU A 539 14.90 -8.90 -18.25
N GLU A 539 14.90 -8.88 -18.29
CA GLU A 539 15.17 -8.92 -19.69
CA GLU A 539 15.25 -8.81 -19.70
C GLU A 539 14.46 -7.76 -20.37
C GLU A 539 14.46 -7.72 -20.39
N ARG A 540 13.16 -7.59 -20.07
CA ARG A 540 12.40 -6.47 -20.61
C ARG A 540 12.96 -5.15 -20.12
N CYS A 541 13.38 -5.09 -18.86
CA CYS A 541 14.02 -3.88 -18.35
C CYS A 541 15.27 -3.52 -19.16
N ALA A 542 16.09 -4.52 -19.47
CA ALA A 542 17.30 -4.27 -20.24
C ALA A 542 16.99 -3.81 -21.67
N ALA A 543 15.83 -4.19 -22.21
CA ALA A 543 15.42 -3.70 -23.52
C ALA A 543 14.76 -2.33 -23.47
N HIS A 544 14.54 -1.78 -22.26
CA HIS A 544 13.81 -0.52 -22.12
C HIS A 544 14.61 0.50 -21.30
N GLN A 545 15.93 0.51 -21.43
CA GLN A 545 16.72 1.41 -20.58
C GLN A 545 16.45 2.88 -20.93
N ASP A 546 16.08 3.17 -22.18
CA ASP A 546 15.67 4.53 -22.52
C ASP A 546 14.42 4.95 -21.77
N ASP A 547 13.41 4.07 -21.72
CA ASP A 547 12.19 4.37 -20.98
C ASP A 547 12.44 4.47 -19.48
N VAL A 548 13.39 3.68 -18.96
CA VAL A 548 13.75 3.81 -17.56
C VAL A 548 14.39 5.17 -17.29
N SER A 549 15.29 5.60 -18.18
N SER A 549 15.28 5.61 -18.18
CA SER A 549 15.90 6.92 -18.04
CA SER A 549 15.90 6.92 -18.03
C SER A 549 14.86 8.03 -18.14
C SER A 549 14.87 8.03 -18.15
N TYR A 550 13.83 7.83 -18.96
CA TYR A 550 12.78 8.83 -19.08
C TYR A 550 12.00 8.97 -17.78
N MET A 551 11.60 7.84 -17.19
CA MET A 551 10.94 7.87 -15.89
C MET A 551 11.83 8.53 -14.84
N ARG A 552 13.12 8.18 -14.84
CA ARG A 552 14.06 8.81 -13.91
C ARG A 552 14.08 10.32 -14.08
N SER A 553 14.02 10.81 -15.33
CA SER A 553 14.06 12.24 -15.58
C SER A 553 12.77 12.96 -15.18
N LEU A 554 11.62 12.28 -15.27
CA LEU A 554 10.38 12.87 -14.75
C LEU A 554 10.41 12.99 -13.24
N ILE A 555 10.91 11.96 -12.56
CA ILE A 555 11.04 12.02 -11.11
C ILE A 555 11.97 13.16 -10.72
N ALA A 556 13.10 13.30 -11.44
CA ALA A 556 14.02 14.39 -11.14
C ALA A 556 13.37 15.74 -11.40
N LEU A 557 12.56 15.84 -12.45
CA LEU A 557 11.88 17.10 -12.74
C LEU A 557 10.96 17.48 -11.59
N ARG A 558 10.18 16.52 -11.09
CA ARG A 558 9.28 16.85 -9.99
C ARG A 558 10.06 17.26 -8.75
N LYS A 559 11.16 16.55 -8.47
CA LYS A 559 11.97 16.90 -7.31
C LYS A 559 12.52 18.32 -7.42
N ALA A 560 12.91 18.72 -8.63
CA ALA A 560 13.52 20.03 -8.83
C ALA A 560 12.50 21.17 -8.73
N HIS A 561 11.21 20.88 -8.70
CA HIS A 561 10.19 21.92 -8.77
C HIS A 561 9.11 21.76 -7.69
N PRO A 562 9.28 22.44 -6.56
CA PRO A 562 8.23 22.41 -5.52
C PRO A 562 6.86 22.87 -6.01
N ALA A 563 6.78 23.58 -7.14
CA ALA A 563 5.49 24.03 -7.67
C ALA A 563 4.58 22.86 -8.03
N PHE A 564 5.16 21.68 -8.34
CA PHE A 564 4.37 20.50 -8.64
C PHE A 564 3.82 19.82 -7.39
N ARG A 565 4.24 20.25 -6.20
CA ARG A 565 3.98 19.51 -4.96
CA ARG A 565 3.99 19.51 -4.96
C ARG A 565 3.33 20.40 -3.92
N LEU A 566 2.41 21.28 -4.35
CA LEU A 566 1.79 22.23 -3.44
C LEU A 566 1.12 21.52 -2.27
N LYS A 567 1.32 22.05 -1.06
CA LYS A 567 0.86 21.36 0.15
C LYS A 567 -0.62 21.61 0.44
N THR A 568 -1.20 22.72 -0.03
CA THR A 568 -2.55 23.11 0.35
C THR A 568 -3.41 23.44 -0.86
N ALA A 569 -4.70 23.15 -0.72
CA ALA A 569 -5.67 23.50 -1.76
C ALA A 569 -5.66 25.00 -2.04
N ASP A 570 -5.46 25.82 -1.00
CA ASP A 570 -5.47 27.26 -1.23
C ASP A 570 -4.36 27.66 -2.20
N GLU A 571 -3.17 27.06 -2.06
CA GLU A 571 -2.07 27.38 -2.95
C GLU A 571 -2.38 26.96 -4.37
N ILE A 572 -3.01 25.80 -4.54
CA ILE A 572 -3.38 25.34 -5.88
C ILE A 572 -4.37 26.30 -6.52
N ARG A 573 -5.40 26.71 -5.76
CA ARG A 573 -6.38 27.63 -6.33
C ARG A 573 -5.75 28.97 -6.65
N ALA A 574 -4.74 29.38 -5.88
CA ALA A 574 -4.10 30.67 -6.12
C ALA A 574 -3.12 30.64 -7.30
N HIS A 575 -2.43 29.52 -7.55
CA HIS A 575 -1.30 29.51 -8.47
C HIS A 575 -1.45 28.61 -9.70
N LEU A 576 -2.39 27.68 -9.73
CA LEU A 576 -2.62 26.83 -10.90
C LEU A 576 -3.67 27.46 -11.82
N ARG A 577 -3.36 27.54 -13.11
CA ARG A 577 -4.27 28.10 -14.11
C ARG A 577 -4.22 27.24 -15.36
N PHE A 578 -5.38 26.85 -15.88
CA PHE A 578 -5.44 26.12 -17.15
C PHE A 578 -5.46 27.10 -18.32
N GLU A 579 -4.77 26.71 -19.38
CA GLU A 579 -4.49 27.60 -20.51
C GLU A 579 -5.25 27.16 -21.74
N ALA A 580 -5.25 28.04 -22.75
CA ALA A 580 -5.96 27.78 -24.00
C ALA A 580 -5.34 26.60 -24.72
N ALA A 581 -6.18 25.68 -25.20
CA ALA A 581 -5.66 24.44 -25.76
C ALA A 581 -6.72 23.78 -26.64
N PRO A 582 -6.30 23.08 -27.69
CA PRO A 582 -7.26 22.37 -28.55
C PRO A 582 -7.65 21.04 -27.95
N PRO A 583 -8.66 20.36 -28.49
CA PRO A 583 -9.00 19.01 -28.01
C PRO A 583 -7.80 18.08 -28.08
N HIS A 584 -7.79 17.10 -27.17
CA HIS A 584 -6.74 16.10 -27.02
C HIS A 584 -5.44 16.70 -26.49
N THR A 585 -5.51 17.88 -25.87
CA THR A 585 -4.38 18.47 -25.16
C THR A 585 -4.88 19.07 -23.86
N VAL A 586 -3.98 19.14 -22.88
CA VAL A 586 -4.20 19.92 -21.66
C VAL A 586 -2.98 20.79 -21.46
N ALA A 587 -3.21 22.06 -21.12
CA ALA A 587 -2.13 23.00 -20.88
C ALA A 587 -2.40 23.78 -19.60
N PHE A 588 -1.37 23.97 -18.79
CA PHE A 588 -1.57 24.75 -17.57
C PHE A 588 -0.27 25.46 -17.18
N THR A 589 -0.43 26.50 -16.34
CA THR A 589 0.69 27.17 -15.70
C THR A 589 0.61 27.02 -14.19
N LEU A 590 1.78 27.06 -13.56
CA LEU A 590 1.94 27.22 -12.12
C LEU A 590 2.72 28.52 -11.96
N ARG A 591 2.09 29.52 -11.36
CA ARG A 591 2.53 30.91 -11.49
C ARG A 591 3.11 31.44 -10.19
N ASP A 592 4.08 32.34 -10.34
CA ASP A 592 4.65 33.15 -9.25
C ASP A 592 5.27 32.31 -8.14
N HIS A 593 6.34 31.61 -8.50
CA HIS A 593 7.13 30.84 -7.54
C HIS A 593 6.25 30.02 -6.62
N ALA A 594 5.30 29.30 -7.21
CA ALA A 594 4.37 28.48 -6.43
C ALA A 594 5.13 27.49 -5.55
N GLY A 595 4.74 27.42 -4.28
CA GLY A 595 5.40 26.50 -3.36
C GLY A 595 6.86 26.83 -3.11
N GLY A 596 7.30 28.03 -3.48
CA GLY A 596 8.72 28.36 -3.36
C GLY A 596 9.57 27.87 -4.51
N ASP A 597 8.96 27.60 -5.66
CA ASP A 597 9.71 27.13 -6.82
C ASP A 597 10.84 28.10 -7.17
N PRO A 598 11.98 27.59 -7.65
CA PRO A 598 13.06 28.49 -8.07
C PRO A 598 12.74 29.29 -9.32
N ASP A 599 11.95 28.74 -10.25
CA ASP A 599 11.57 29.48 -11.44
C ASP A 599 10.34 30.33 -11.15
N ARG A 600 10.18 31.43 -11.89
CA ARG A 600 9.03 32.31 -11.63
C ARG A 600 7.72 31.65 -12.04
N HIS A 601 7.69 31.03 -13.21
CA HIS A 601 6.49 30.36 -13.71
C HIS A 601 6.88 29.07 -14.41
N LEU A 602 5.98 28.09 -14.35
CA LEU A 602 6.06 26.89 -15.18
C LEU A 602 4.87 26.83 -16.12
N TYR A 603 5.10 26.28 -17.31
CA TYR A 603 4.05 25.98 -18.28
C TYR A 603 4.18 24.52 -18.65
N VAL A 604 3.07 23.77 -18.62
CA VAL A 604 3.08 22.34 -18.87
C VAL A 604 2.06 22.02 -19.95
N LEU A 605 2.49 21.25 -20.96
CA LEU A 605 1.62 20.83 -22.05
C LEU A 605 1.56 19.31 -22.07
N TYR A 606 0.35 18.76 -21.99
CA TYR A 606 0.10 17.34 -22.24
C TYR A 606 -0.49 17.23 -23.64
N ASN A 607 0.27 16.69 -24.59
CA ASN A 607 -0.17 16.61 -25.98
C ASN A 607 -0.45 15.16 -26.33
N ALA A 608 -1.73 14.84 -26.56
CA ALA A 608 -2.10 13.50 -27.01
C ALA A 608 -2.43 13.46 -28.50
N ASN A 609 -2.13 14.53 -29.24
N ASN A 609 -2.12 14.53 -29.24
CA ASN A 609 -2.33 14.53 -30.68
CA ASN A 609 -2.32 14.55 -30.69
C ASN A 609 -1.03 14.13 -31.37
C ASN A 609 -1.03 14.14 -31.38
N PRO A 610 -1.03 13.09 -32.20
CA PRO A 610 0.23 12.68 -32.86
C PRO A 610 0.79 13.70 -33.84
N GLY A 611 0.00 14.68 -34.31
CA GLY A 611 0.48 15.63 -35.29
C GLY A 611 1.22 16.82 -34.68
N ALA A 612 1.64 17.71 -35.55
CA ALA A 612 2.24 18.96 -35.10
C ALA A 612 1.14 19.95 -34.73
N LEU A 613 1.45 20.81 -33.76
CA LEU A 613 0.51 21.88 -33.42
C LEU A 613 1.24 23.06 -32.80
N SER A 614 0.58 24.21 -32.84
CA SER A 614 1.15 25.47 -32.40
C SER A 614 0.21 26.08 -31.37
N LEU A 615 0.78 26.54 -30.24
CA LEU A 615 0.01 27.15 -29.16
C LEU A 615 0.55 28.54 -28.86
N GLU A 616 -0.35 29.43 -28.47
CA GLU A 616 0.02 30.73 -27.93
C GLU A 616 0.26 30.57 -26.44
N LEU A 617 1.45 30.97 -25.98
CA LEU A 617 1.80 30.89 -24.56
C LEU A 617 1.31 32.12 -23.80
N PRO A 618 0.97 31.95 -22.51
CA PRO A 618 0.62 33.12 -21.70
C PRO A 618 1.76 34.12 -21.65
N ALA A 619 1.42 35.41 -21.66
CA ALA A 619 2.43 36.47 -21.74
C ALA A 619 3.03 36.73 -20.36
N LEU A 620 3.78 35.76 -19.87
CA LEU A 620 4.33 35.82 -18.52
C LEU A 620 5.83 36.12 -18.47
N GLY A 621 6.51 36.23 -19.62
CA GLY A 621 7.94 36.46 -19.61
C GLY A 621 8.67 35.57 -20.60
N PRO A 622 10.00 35.57 -20.57
CA PRO A 622 10.76 34.84 -21.60
C PRO A 622 10.84 33.34 -21.31
N TRP A 623 9.89 32.57 -21.85
CA TRP A 623 9.85 31.13 -21.61
C TRP A 623 11.12 30.43 -22.09
N GLU A 624 11.57 29.42 -21.33
CA GLU A 624 12.67 28.52 -21.69
C GLU A 624 12.23 27.07 -21.54
N VAL A 625 12.89 26.18 -22.27
CA VAL A 625 12.61 24.76 -22.15
C VAL A 625 13.14 24.23 -20.82
N ARG A 626 12.34 23.38 -20.18
CA ARG A 626 12.81 22.61 -19.03
C ARG A 626 12.69 21.11 -19.23
N PHE A 627 11.84 20.65 -20.14
CA PHE A 627 11.59 19.23 -20.28
C PHE A 627 10.89 18.97 -21.60
N GLY A 628 11.20 17.82 -22.21
CA GLY A 628 10.56 17.50 -23.46
C GLY A 628 11.06 18.29 -24.65
N GLY A 629 12.28 18.83 -24.57
CA GLY A 629 12.81 19.61 -25.68
C GLY A 629 12.85 18.85 -26.99
N GLU A 630 12.91 17.51 -26.93
N GLU A 630 12.91 17.52 -26.92
CA GLU A 630 12.88 16.71 -28.15
CA GLU A 630 12.88 16.67 -28.12
C GLU A 630 11.61 16.95 -28.95
C GLU A 630 11.59 16.84 -28.91
N HIS A 631 10.52 17.33 -28.28
CA HIS A 631 9.24 17.55 -28.96
C HIS A 631 9.09 18.95 -29.54
N VAL A 632 10.04 19.85 -29.31
CA VAL A 632 9.85 21.26 -29.60
C VAL A 632 10.32 21.56 -31.01
N LEU A 633 9.39 21.97 -31.87
CA LEU A 633 9.74 22.45 -33.21
C LEU A 633 10.06 23.94 -33.24
N ALA A 634 9.51 24.72 -32.31
CA ALA A 634 9.81 26.15 -32.20
C ALA A 634 9.38 26.66 -30.84
N LEU A 635 10.16 27.57 -30.29
CA LEU A 635 9.79 28.32 -29.09
C LEU A 635 10.25 29.75 -29.33
N GLU A 636 9.30 30.67 -29.46
CA GLU A 636 9.58 32.03 -29.89
C GLU A 636 8.93 33.03 -28.95
N ALA A 637 9.71 34.01 -28.49
CA ALA A 637 9.22 35.01 -27.57
C ALA A 637 8.42 36.11 -28.27
N GLY A 658 3.04 37.65 -30.02
CA GLY A 658 2.95 36.82 -28.84
C GLY A 658 3.96 35.68 -28.81
N ALA A 659 4.17 35.11 -27.62
CA ALA A 659 5.05 33.97 -27.49
C ALA A 659 4.39 32.72 -28.06
N ARG A 660 5.17 31.89 -28.75
CA ARG A 660 4.65 30.76 -29.50
C ARG A 660 5.45 29.49 -29.20
N LEU A 661 4.74 28.37 -29.02
CA LEU A 661 5.32 27.05 -28.88
C LEU A 661 4.77 26.14 -29.98
N GLU A 662 5.66 25.53 -30.75
CA GLU A 662 5.27 24.50 -31.70
C GLU A 662 5.89 23.17 -31.30
N VAL A 663 5.07 22.12 -31.29
CA VAL A 663 5.50 20.79 -30.89
C VAL A 663 4.98 19.76 -31.90
N ARG A 664 5.54 18.56 -31.86
N ARG A 664 5.55 18.57 -31.83
CA ARG A 664 4.95 17.45 -32.61
CA ARG A 664 5.08 17.40 -32.56
C ARG A 664 5.16 16.15 -31.84
C ARG A 664 5.07 16.21 -31.62
N GLY A 665 4.15 15.30 -31.86
CA GLY A 665 4.24 14.04 -31.17
C GLY A 665 3.51 14.05 -29.84
N VAL A 666 3.03 12.87 -29.46
CA VAL A 666 2.40 12.67 -28.17
C VAL A 666 3.47 12.73 -27.08
N GLY A 667 3.31 13.69 -26.17
CA GLY A 667 4.23 13.76 -25.05
C GLY A 667 4.05 15.05 -24.27
N VAL A 668 4.88 15.19 -23.24
N VAL A 668 4.89 15.21 -23.26
CA VAL A 668 4.82 16.33 -22.34
CA VAL A 668 4.83 16.34 -22.33
C VAL A 668 5.97 17.29 -22.64
C VAL A 668 5.98 17.29 -22.61
N VAL A 669 5.68 18.59 -22.58
CA VAL A 669 6.68 19.64 -22.66
C VAL A 669 6.52 20.51 -21.43
N VAL A 670 7.64 20.90 -20.80
CA VAL A 670 7.60 21.84 -19.67
C VAL A 670 8.50 23.03 -20.00
N LEU A 671 7.97 24.24 -19.82
CA LEU A 671 8.72 25.47 -19.96
C LEU A 671 8.76 26.20 -18.63
N ALA A 672 9.68 27.17 -18.52
CA ALA A 672 9.77 28.01 -17.34
C ALA A 672 10.09 29.45 -17.72
N VAL A 673 9.55 30.39 -16.95
CA VAL A 673 10.03 31.76 -16.91
C VAL A 673 11.04 31.85 -15.78
N PRO A 674 12.31 32.15 -16.04
CA PRO A 674 13.29 32.19 -14.97
C PRO A 674 12.99 33.30 -13.98
N ARG A 675 13.58 33.17 -12.80
CA ARG A 675 13.45 34.20 -11.77
C ARG A 675 13.86 35.58 -12.28
CA CA B . 2.23 -17.54 5.71
CL CL C . 18.19 -6.22 -25.05
#